data_7L49
#
_entry.id   7L49
#
loop_
_entity.id
_entity.type
_entity.pdbx_description
1 polymer Cas12f1
2 polymer TS
3 polymer NTS
4 polymer sgRNA
5 polymer Substrate
6 non-polymer 'ZINC ION'
#
loop_
_entity_poly.entity_id
_entity_poly.type
_entity_poly.pdbx_seq_one_letter_code
_entity_poly.pdbx_strand_id
1 'polypeptide(L)'
;MAKNTITKTLKLRIVRPYNSAEVEKIVADEKNNREKIALEKNKDKVKEACSKHLKVAAYCTTQVERNACLFCKARKLDDK
FYQKLRGQFPDAVFWQEISEIFRQLQKQAAEIYNQSLIELYYEIFIKGKGIANASSVEHYLSDVCYTRAAELFKNAAIAS
GLRSKIKSNFRLKELKNMKSGLPTTKSDNFPIPLVKQKGGQYTGFEISNHNSDFIIKIPFGRWQVKKEIDKYRPWEKFDF
EQVQKSPKPISLLLSTQRRKRNKGWSKDEGTEAEIKKVMNGDYQTSYIEVKRGSKICEKSAWMLNLSIDVPKIDKGVDPS
IIGGIDVGVKSPLVCAINNAFSRYSISDNDLFHFNKKMFARRRILLKKNRHKRAGHGAKNKLKPITILTEKSERFRKKLI
ERWACEIADFFIKNKVGTVQMENLESMKRKEDSYFNIRLRGFWPYAEMQNKIEFKLKQYGIEIRKVAPNNTSKTCSKCGH
LNNYFNFEYRKKNKFPHFKCEKCNFKENADYNAALNISNPKLKSTKEEP
;
A,B
2 'polydeoxyribonucleotide'
;(DG)(DC)(DT)(DG)(DA)(DT)(DG)(DC)(DA)(DT)(DC)(DT)(DA)(DG)(DA)(DT)(DT)(DG)(DT)(DG)
(DC)(DA)(DC)(DG)(DC)(DC)(DG)(DG)(DC)(DG)(DA)(DC)(DG)(DT)(DT)(DG)(DG)(DG)(DT)(DC)
(DA)(DA)(DC)(DT)(DT)(DA)(DA)(DA)(DT)(DA)(DC)(DG)(DT)(DA)(DA)(DG)(DG)(DT)(DG)(DC)
;
C
3 'polydeoxyribonucleotide'
;(DG)(DC)(DA)(DC)(DC)(DT)(DT)(DA)(DC)(DG)(DT)(DA)(DT)(DT)(DT)(DA)(DA)(DG)(DT)(DT)
(DG)(DA)(DC)(DC)(DC)(DA)(DA)(DC)(DG)(DT)(DC)(DG)(DC)(DC)(DG)(DG)(DC)(DG)(DT)(DG)
(DC)(DA)(DC)(DA)(DA)(DT)(DC)(DT)(DA)(DG)(DA)(DT)(DG)(DC)(DA)(DT)(DC)(DA)(DG)(DC)
;
D
4 'polyribonucleotide'
;GGGCUUCACUGAUAAAGUGGAGAACCGCUUCACCAAAAGCUGUCCCUUAGGGGAUUAGAACUUGAGUGAAGGUGGGCUGC
UUGCAUCAGCCUAAUGUCGAGAAGUGCUUUCUUCGGAAAGUAACCCUCGAAACAAAUUCAUUUUUCCUCUCCAAUUCUGC
ACAAGAAAGUUGCAGAACCCGAAUAGACGAAUGAAGGAAUGCAACAGUUGACCCAACGUCGCCGG
;
E
5 'polydeoxyribonucleotide' (DC)(DC)(DC)(DC)(DC) F
#
loop_
_chem_comp.id
_chem_comp.type
_chem_comp.name
_chem_comp.formula
A RNA linking ADENOSINE-5'-MONOPHOSPHATE 'C10 H14 N5 O7 P'
C RNA linking CYTIDINE-5'-MONOPHOSPHATE 'C9 H14 N3 O8 P'
DA DNA linking 2'-DEOXYADENOSINE-5'-MONOPHOSPHATE 'C10 H14 N5 O6 P'
DC DNA linking 2'-DEOXYCYTIDINE-5'-MONOPHOSPHATE 'C9 H14 N3 O7 P'
DG DNA linking 2'-DEOXYGUANOSINE-5'-MONOPHOSPHATE 'C10 H14 N5 O7 P'
DT DNA linking THYMIDINE-5'-MONOPHOSPHATE 'C10 H15 N2 O8 P'
G RNA linking GUANOSINE-5'-MONOPHOSPHATE 'C10 H14 N5 O8 P'
U RNA linking URIDINE-5'-MONOPHOSPHATE 'C9 H13 N2 O9 P'
ZN non-polymer 'ZINC ION' 'Zn 2'
#
# COMPACT_ATOMS: atom_id res chain seq x y z
N ASN A 4 -15.76 29.20 10.45
CA ASN A 4 -15.17 30.49 10.75
C ASN A 4 -13.73 30.33 11.25
N THR A 5 -13.42 29.14 11.76
CA THR A 5 -12.08 28.81 12.23
C THR A 5 -11.57 27.59 11.48
N ILE A 6 -10.26 27.55 11.28
CA ILE A 6 -9.59 26.49 10.53
C ILE A 6 -8.72 25.71 11.51
N THR A 7 -8.87 24.40 11.53
CA THR A 7 -8.10 23.60 12.46
C THR A 7 -6.76 23.18 11.87
N LYS A 8 -5.76 23.10 12.75
CA LYS A 8 -4.39 22.79 12.38
C LYS A 8 -3.79 21.98 13.52
N THR A 9 -2.53 21.56 13.34
CA THR A 9 -1.70 21.09 14.44
C THR A 9 -0.33 21.75 14.33
N LEU A 10 0.28 21.96 15.49
CA LEU A 10 1.69 22.30 15.61
C LEU A 10 2.46 21.07 16.07
N LYS A 11 3.56 20.73 15.40
CA LYS A 11 4.41 19.63 15.81
C LYS A 11 5.65 20.16 16.52
N LEU A 12 5.78 19.88 17.82
CA LEU A 12 6.91 20.36 18.61
C LEU A 12 7.64 19.20 19.28
N ARG A 13 8.95 19.36 19.47
CA ARG A 13 9.81 18.34 20.05
C ARG A 13 9.95 18.56 21.54
N ILE A 14 9.83 17.50 22.33
CA ILE A 14 10.01 17.59 23.77
C ILE A 14 11.49 17.69 24.09
N VAL A 15 11.93 18.84 24.60
CA VAL A 15 13.30 19.02 25.08
C VAL A 15 13.54 18.13 26.28
N ARG A 16 12.77 18.34 27.35
CA ARG A 16 12.94 17.63 28.61
C ARG A 16 11.68 17.82 29.45
N PRO A 17 11.45 16.95 30.44
CA PRO A 17 10.39 17.19 31.43
C PRO A 17 10.72 18.35 32.36
N TYR A 18 9.81 19.31 32.44
CA TYR A 18 9.91 20.34 33.47
C TYR A 18 9.43 19.77 34.79
N ASN A 19 10.02 20.26 35.89
CA ASN A 19 9.96 19.51 37.15
C ASN A 19 9.25 20.28 38.24
N SER A 20 9.70 21.50 38.54
CA SER A 20 9.15 22.35 39.58
C SER A 20 9.57 23.79 39.25
N ALA A 21 9.54 24.67 40.25
CA ALA A 21 10.23 25.95 40.13
C ALA A 21 11.54 26.00 40.90
N GLU A 22 11.69 25.20 41.97
CA GLU A 22 12.93 25.15 42.72
C GLU A 22 13.97 24.22 42.09
N VAL A 23 13.54 23.09 41.53
CA VAL A 23 14.46 22.19 40.84
C VAL A 23 14.95 22.79 39.53
N GLU A 24 14.11 23.54 38.83
CA GLU A 24 14.56 24.23 37.64
C GLU A 24 15.43 25.43 37.97
N LYS A 25 15.22 26.03 39.14
CA LYS A 25 16.13 27.08 39.63
C LYS A 25 17.50 26.50 39.94
N ILE A 26 17.53 25.28 40.49
CA ILE A 26 18.77 24.59 40.78
C ILE A 26 19.49 24.20 39.48
N VAL A 27 18.72 23.72 38.48
CA VAL A 27 19.29 23.34 37.19
C VAL A 27 19.87 24.56 36.47
N ALA A 28 19.12 25.67 36.45
CA ALA A 28 19.58 26.89 35.79
C ALA A 28 20.79 27.48 36.50
N ASP A 29 20.84 27.38 37.83
CA ASP A 29 22.00 27.91 38.54
C ASP A 29 23.21 27.00 38.40
N GLU A 30 23.00 25.69 38.20
CA GLU A 30 24.15 24.81 37.96
C GLU A 30 24.71 25.04 36.56
N LYS A 31 23.83 25.30 35.58
CA LYS A 31 24.28 25.70 34.25
C LYS A 31 25.05 27.02 34.28
N ASN A 32 24.54 28.01 35.04
CA ASN A 32 25.25 29.28 35.15
C ASN A 32 26.54 29.15 35.96
N ASN A 33 26.61 28.20 36.89
CA ASN A 33 27.83 27.99 37.65
C ASN A 33 28.90 27.37 36.77
N ARG A 34 28.51 26.41 35.92
CA ARG A 34 29.46 25.83 34.98
C ARG A 34 29.91 26.86 33.95
N GLU A 35 29.00 27.75 33.54
CA GLU A 35 29.40 28.82 32.62
C GLU A 35 30.39 29.79 33.26
N LYS A 36 30.19 30.13 34.55
CA LYS A 36 31.17 30.99 35.23
C LYS A 36 32.50 30.30 35.45
N ILE A 37 32.46 28.99 35.79
CA ILE A 37 33.68 28.20 35.94
C ILE A 37 34.48 28.18 34.65
N ALA A 38 33.82 27.92 33.51
CA ALA A 38 34.58 27.88 32.26
C ALA A 38 34.95 29.28 31.76
N LEU A 39 34.16 30.30 32.11
CA LEU A 39 34.50 31.68 31.79
C LEU A 39 35.64 32.24 32.63
N GLU A 40 35.95 31.65 33.78
CA GLU A 40 37.11 32.10 34.53
C GLU A 40 38.31 31.17 34.40
N LYS A 41 38.11 29.88 34.11
CA LYS A 41 39.24 28.99 33.94
C LYS A 41 39.92 29.20 32.59
N ASN A 42 39.15 29.55 31.55
CA ASN A 42 39.69 29.94 30.25
C ASN A 42 40.07 31.43 30.29
N LYS A 43 41.10 31.73 31.09
CA LYS A 43 41.66 33.07 31.17
C LYS A 43 42.75 33.18 30.11
N ASP A 44 42.34 33.65 28.92
CA ASP A 44 43.17 33.81 27.72
C ASP A 44 43.83 32.51 27.25
N LYS A 45 43.31 31.35 27.66
CA LYS A 45 43.84 30.09 27.17
C LYS A 45 43.21 29.68 25.84
N VAL A 46 41.94 30.02 25.61
CA VAL A 46 41.25 29.72 24.37
C VAL A 46 40.78 31.03 23.76
N LYS A 47 40.44 30.97 22.47
CA LYS A 47 39.90 32.14 21.77
C LYS A 47 38.75 31.76 20.86
N GLU A 48 37.90 30.85 21.36
CA GLU A 48 36.76 30.36 20.55
C GLU A 48 35.46 30.87 21.19
N ALA A 49 35.47 32.11 21.68
CA ALA A 49 34.21 32.68 22.21
C ALA A 49 33.24 32.82 21.03
N CYS A 50 31.99 32.41 21.21
CA CYS A 50 31.05 32.43 20.06
C CYS A 50 30.44 33.84 19.93
N SER A 51 30.10 34.28 18.71
CA SER A 51 29.57 35.63 18.46
C SER A 51 28.57 36.26 19.44
N LYS A 52 27.61 35.46 19.94
CA LYS A 52 26.74 35.86 21.05
C LYS A 52 27.43 35.93 22.41
N HIS A 53 28.46 35.12 22.63
CA HIS A 53 29.15 34.96 23.92
C HIS A 53 30.25 36.01 24.09
N LEU A 54 30.62 36.68 23.00
CA LEU A 54 31.50 37.85 23.05
C LEU A 54 30.88 39.00 23.83
N LYS A 55 29.56 39.16 23.74
CA LYS A 55 28.90 40.33 24.31
C LYS A 55 28.83 40.25 25.83
N VAL A 56 28.31 39.16 26.37
CA VAL A 56 27.96 39.14 27.80
C VAL A 56 29.24 39.08 28.67
N ALA A 57 30.16 38.15 28.36
CA ALA A 57 31.49 38.14 28.96
C ALA A 57 32.38 37.23 28.11
N ALA A 58 33.35 37.83 27.41
CA ALA A 58 34.51 37.12 26.87
C ALA A 58 35.58 38.14 26.53
N TYR A 59 36.84 37.69 26.53
CA TYR A 59 37.99 38.52 26.14
C TYR A 59 38.82 37.75 25.09
N CYS A 60 38.40 37.81 23.83
CA CYS A 60 39.05 37.07 22.75
C CYS A 60 38.89 37.86 21.45
N THR A 61 39.42 37.29 20.37
CA THR A 61 39.42 37.96 19.06
C THR A 61 38.39 37.40 18.09
N THR A 62 38.50 36.13 17.73
CA THR A 62 37.79 35.58 16.59
C THR A 62 36.44 34.99 17.00
N GLN A 63 35.57 34.84 15.99
CA GLN A 63 34.23 34.29 16.15
C GLN A 63 34.15 32.89 15.57
N VAL A 64 33.54 31.96 16.32
CA VAL A 64 33.39 30.58 15.89
C VAL A 64 31.90 30.24 15.81
N GLU A 65 31.62 29.06 15.27
CA GLU A 65 30.31 28.69 14.74
C GLU A 65 29.26 28.35 15.80
N ARG A 66 29.57 28.53 17.09
CA ARG A 66 28.81 28.15 18.30
C ARG A 66 28.88 26.65 18.62
N ASN A 67 29.33 25.84 17.66
CA ASN A 67 29.64 24.44 17.97
C ASN A 67 31.00 24.31 18.65
N ALA A 68 31.96 25.14 18.24
CA ALA A 68 33.32 25.12 18.77
C ALA A 68 33.52 26.06 19.95
N CYS A 69 32.47 26.59 20.55
CA CYS A 69 32.62 27.33 21.80
C CYS A 69 32.91 26.37 22.95
N LEU A 70 33.54 26.90 24.00
CA LEU A 70 33.83 26.11 25.19
C LEU A 70 33.00 26.51 26.40
N PHE A 71 32.38 27.70 26.38
CA PHE A 71 31.51 28.14 27.45
C PHE A 71 30.07 27.68 27.22
N CYS A 72 29.66 27.66 25.95
CA CYS A 72 28.45 26.96 25.55
C CYS A 72 28.53 25.47 25.88
N LYS A 73 29.69 24.84 25.59
CA LYS A 73 29.86 23.41 25.79
C LYS A 73 29.79 23.02 27.26
N ALA A 74 30.19 23.94 28.14
CA ALA A 74 30.32 23.63 29.56
C ALA A 74 28.97 23.66 30.27
N ARG A 75 27.97 24.31 29.66
CA ARG A 75 26.62 24.39 30.20
C ARG A 75 25.87 23.07 30.15
N LYS A 76 26.38 22.09 29.42
CA LYS A 76 25.72 20.79 29.35
C LYS A 76 25.93 20.04 30.66
N LEU A 77 24.83 19.54 31.22
CA LEU A 77 24.88 18.80 32.48
C LEU A 77 25.02 17.31 32.21
N ASP A 78 25.81 16.65 33.05
CA ASP A 78 26.19 15.27 32.82
C ASP A 78 25.20 14.36 33.53
N ASP A 79 25.57 13.08 33.74
CA ASP A 79 24.70 12.15 34.44
C ASP A 79 24.89 12.13 35.94
N LYS A 80 26.05 12.53 36.45
CA LYS A 80 26.26 12.57 37.90
C LYS A 80 25.41 13.64 38.57
N PHE A 81 25.19 14.77 37.87
CA PHE A 81 24.28 15.78 38.39
C PHE A 81 22.84 15.28 38.41
N TYR A 82 22.45 14.45 37.45
CA TYR A 82 21.07 13.98 37.45
C TYR A 82 20.84 12.79 38.37
N GLN A 83 21.89 12.05 38.74
CA GLN A 83 21.67 11.09 39.82
C GLN A 83 21.77 11.76 41.19
N LYS A 84 22.50 12.88 41.28
CA LYS A 84 22.39 13.74 42.46
C LYS A 84 21.00 14.31 42.61
N LEU A 85 20.40 14.80 41.52
CA LEU A 85 19.04 15.34 41.60
C LEU A 85 17.97 14.27 41.83
N ARG A 86 18.13 13.08 41.24
CA ARG A 86 17.20 11.98 41.55
C ARG A 86 17.32 11.54 43.01
N GLY A 87 18.51 11.63 43.60
CA GLY A 87 18.64 11.34 45.02
C GLY A 87 18.05 12.45 45.88
N GLN A 88 18.31 13.71 45.52
CA GLN A 88 17.94 14.85 46.35
C GLN A 88 16.45 15.14 46.26
N PHE A 89 15.88 15.09 45.05
CA PHE A 89 14.45 15.26 44.81
C PHE A 89 13.88 13.96 44.27
N PRO A 90 13.36 13.09 45.12
CA PRO A 90 12.85 11.78 44.65
C PRO A 90 11.46 11.85 44.06
N ASP A 91 10.75 12.96 44.23
CA ASP A 91 9.47 13.22 43.60
C ASP A 91 9.63 13.96 42.26
N ALA A 92 10.87 14.13 41.79
CA ALA A 92 11.12 14.76 40.51
C ALA A 92 10.85 13.78 39.36
N VAL A 93 10.86 14.31 38.14
CA VAL A 93 10.37 13.60 36.96
C VAL A 93 11.47 13.60 35.89
N PHE A 94 12.02 12.43 35.59
CA PHE A 94 13.12 12.29 34.64
C PHE A 94 12.77 11.27 33.56
N TRP A 95 13.63 11.15 32.53
CA TRP A 95 13.28 10.48 31.27
C TRP A 95 13.13 8.97 31.35
N GLN A 96 13.55 8.30 32.42
CA GLN A 96 13.42 6.85 32.37
C GLN A 96 12.00 6.45 32.72
N GLU A 97 11.49 7.08 33.79
CA GLU A 97 10.08 6.99 34.14
C GLU A 97 9.21 7.49 32.99
N ILE A 98 9.62 8.58 32.33
CA ILE A 98 8.79 9.22 31.32
C ILE A 98 8.73 8.38 30.05
N SER A 99 9.87 7.86 29.59
CA SER A 99 9.85 7.04 28.39
C SER A 99 9.18 5.68 28.64
N GLU A 100 9.30 5.15 29.86
CA GLU A 100 8.60 3.89 30.15
C GLU A 100 7.10 4.10 30.26
N ILE A 101 6.69 5.24 30.83
CA ILE A 101 5.28 5.61 30.89
C ILE A 101 4.72 5.83 29.49
N PHE A 102 5.44 6.60 28.66
CA PHE A 102 4.95 6.93 27.33
C PHE A 102 4.86 5.70 26.43
N ARG A 103 5.83 4.79 26.50
CA ARG A 103 5.74 3.56 25.71
C ARG A 103 4.60 2.65 26.21
N GLN A 104 4.41 2.59 27.53
CA GLN A 104 3.31 1.81 28.09
C GLN A 104 1.96 2.42 27.72
N LEU A 105 1.89 3.75 27.77
CA LEU A 105 0.64 4.46 27.36
C LEU A 105 0.34 4.07 25.92
N GLN A 106 1.34 4.21 25.03
CA GLN A 106 1.13 3.91 23.62
C GLN A 106 0.62 2.49 23.39
N LYS A 107 1.23 1.49 24.06
CA LYS A 107 0.82 0.11 23.81
C LYS A 107 -0.55 -0.21 24.41
N GLN A 108 -0.84 0.34 25.58
CA GLN A 108 -2.15 0.10 26.16
C GLN A 108 -3.24 0.91 25.49
N ALA A 109 -2.91 2.08 24.93
CA ALA A 109 -3.89 2.83 24.16
C ALA A 109 -4.24 2.10 22.87
N ALA A 110 -3.26 1.46 22.22
CA ALA A 110 -3.57 0.63 21.05
C ALA A 110 -4.41 -0.58 21.44
N GLU A 111 -4.10 -1.22 22.58
CA GLU A 111 -4.88 -2.37 23.02
C GLU A 111 -6.31 -1.98 23.40
N ILE A 112 -6.48 -0.80 24.00
CA ILE A 112 -7.82 -0.35 24.40
C ILE A 112 -8.61 0.08 23.18
N TYR A 113 -7.94 0.69 22.19
CA TYR A 113 -8.58 1.02 20.91
C TYR A 113 -9.13 -0.21 20.22
N ASN A 114 -8.33 -1.29 20.15
CA ASN A 114 -8.78 -2.53 19.52
C ASN A 114 -9.92 -3.19 20.31
N GLN A 115 -9.73 -3.37 21.63
CA GLN A 115 -10.72 -4.06 22.44
C GLN A 115 -12.02 -3.26 22.56
N SER A 116 -11.94 -1.93 22.50
CA SER A 116 -13.13 -1.13 22.63
C SER A 116 -13.87 -0.98 21.31
N LEU A 117 -13.18 -1.07 20.17
CA LEU A 117 -13.91 -1.18 18.91
C LEU A 117 -14.61 -2.52 18.78
N ILE A 118 -13.98 -3.60 19.24
CA ILE A 118 -14.67 -4.89 19.25
C ILE A 118 -15.84 -4.91 20.23
N GLU A 119 -15.69 -4.22 21.37
CA GLU A 119 -16.78 -4.13 22.34
C GLU A 119 -17.91 -3.24 21.84
N LEU A 120 -17.59 -2.18 21.09
CA LEU A 120 -18.62 -1.38 20.45
C LEU A 120 -19.39 -2.16 19.39
N TYR A 121 -18.67 -2.97 18.59
CA TYR A 121 -19.35 -3.80 17.60
C TYR A 121 -20.29 -4.79 18.26
N TYR A 122 -19.87 -5.35 19.41
CA TYR A 122 -20.74 -6.23 20.18
C TYR A 122 -21.99 -5.49 20.67
N GLU A 123 -21.80 -4.44 21.47
CA GLU A 123 -22.94 -3.74 22.09
C GLU A 123 -23.88 -3.10 21.07
N ILE A 124 -23.38 -2.64 19.92
CA ILE A 124 -24.26 -2.04 18.92
C ILE A 124 -24.93 -3.11 18.06
N PHE A 125 -24.17 -4.06 17.52
CA PHE A 125 -24.72 -4.91 16.47
C PHE A 125 -25.11 -6.30 16.97
N ILE A 126 -24.48 -6.81 18.02
CA ILE A 126 -24.76 -8.15 18.51
C ILE A 126 -25.67 -8.11 19.74
N LYS A 127 -25.48 -7.12 20.61
CA LYS A 127 -26.35 -6.98 21.77
C LYS A 127 -27.51 -6.04 21.50
N GLY A 128 -27.27 -4.92 20.82
CA GLY A 128 -28.31 -3.96 20.54
C GLY A 128 -29.02 -4.15 19.22
N LYS A 129 -28.76 -5.27 18.53
CA LYS A 129 -29.46 -5.72 17.31
C LYS A 129 -29.38 -4.71 16.16
N GLY A 130 -28.38 -3.83 16.15
CA GLY A 130 -28.18 -2.90 15.07
C GLY A 130 -28.97 -1.61 15.20
N ILE A 131 -29.96 -1.56 16.09
CA ILE A 131 -30.78 -0.38 16.32
C ILE A 131 -29.98 0.71 17.01
N ALA A 132 -29.52 1.71 16.23
CA ALA A 132 -28.72 2.79 16.77
C ALA A 132 -28.73 3.97 15.81
N ASN A 133 -28.96 5.17 16.35
CA ASN A 133 -28.92 6.42 15.61
C ASN A 133 -27.47 6.91 15.67
N ALA A 134 -27.18 8.16 15.32
CA ALA A 134 -25.86 8.71 15.60
C ALA A 134 -25.68 9.09 17.06
N SER A 135 -26.74 9.57 17.71
CA SER A 135 -26.63 9.92 19.12
C SER A 135 -26.54 8.68 19.99
N SER A 136 -27.10 7.56 19.52
CA SER A 136 -26.86 6.31 20.23
C SER A 136 -25.41 5.86 20.08
N VAL A 137 -24.74 6.23 18.99
CA VAL A 137 -23.31 5.96 18.89
C VAL A 137 -22.53 6.88 19.84
N GLU A 138 -23.00 8.12 20.02
CA GLU A 138 -22.39 9.01 21.01
C GLU A 138 -22.51 8.44 22.43
N HIS A 139 -23.69 7.93 22.77
CA HIS A 139 -23.88 7.26 24.07
C HIS A 139 -23.00 6.02 24.19
N TYR A 140 -22.90 5.23 23.12
CA TYR A 140 -22.19 3.96 23.23
C TYR A 140 -20.69 4.18 23.28
N LEU A 141 -20.20 5.20 22.58
CA LEU A 141 -18.80 5.61 22.69
C LEU A 141 -18.47 6.05 24.11
N SER A 142 -19.28 6.95 24.68
CA SER A 142 -18.97 7.40 26.03
C SER A 142 -19.29 6.36 27.10
N ASP A 143 -20.05 5.31 26.77
CA ASP A 143 -20.38 4.26 27.71
C ASP A 143 -19.46 3.05 27.60
N VAL A 144 -18.76 2.89 26.48
CA VAL A 144 -17.90 1.75 26.22
C VAL A 144 -16.42 2.13 26.18
N CYS A 145 -16.05 3.07 25.30
CA CYS A 145 -14.64 3.31 25.06
C CYS A 145 -14.03 4.14 26.18
N TYR A 146 -14.76 5.18 26.59
CA TYR A 146 -14.39 5.96 27.76
C TYR A 146 -14.36 5.09 29.00
N THR A 147 -15.33 4.18 29.14
CA THR A 147 -15.45 3.43 30.40
C THR A 147 -14.33 2.39 30.53
N ARG A 148 -13.98 1.71 29.43
CA ARG A 148 -12.84 0.79 29.48
C ARG A 148 -11.52 1.54 29.61
N ALA A 149 -11.39 2.70 28.93
CA ALA A 149 -10.15 3.45 28.97
C ALA A 149 -9.94 4.09 30.33
N ALA A 150 -11.03 4.50 31.00
CA ALA A 150 -10.94 5.01 32.35
C ALA A 150 -10.92 3.90 33.40
N GLU A 151 -11.28 2.67 33.02
CA GLU A 151 -11.03 1.55 33.91
C GLU A 151 -9.58 1.12 33.88
N LEU A 152 -8.86 1.39 32.78
CA LEU A 152 -7.43 1.07 32.73
C LEU A 152 -6.60 2.27 33.17
N PHE A 153 -6.63 3.35 32.39
CA PHE A 153 -5.99 4.61 32.76
C PHE A 153 -6.97 5.48 33.53
N LYS A 154 -6.68 5.78 34.79
CA LYS A 154 -7.67 6.52 35.55
C LYS A 154 -7.62 8.04 35.28
N ASN A 155 -6.84 8.47 34.29
CA ASN A 155 -7.01 9.78 33.66
C ASN A 155 -8.38 9.89 33.00
N ALA A 156 -8.91 11.11 32.98
CA ALA A 156 -10.01 11.42 32.07
C ALA A 156 -9.54 12.00 30.74
N ALA A 157 -8.32 12.54 30.69
CA ALA A 157 -7.80 13.09 29.44
C ALA A 157 -7.47 12.01 28.43
N ILE A 158 -6.79 10.95 28.88
CA ILE A 158 -6.46 9.83 28.01
C ILE A 158 -7.72 9.07 27.62
N ALA A 159 -8.66 8.91 28.55
CA ALA A 159 -9.86 8.12 28.27
C ALA A 159 -10.77 8.82 27.28
N SER A 160 -10.93 10.14 27.41
CA SER A 160 -11.73 10.86 26.43
C SER A 160 -10.98 11.10 25.12
N GLY A 161 -9.64 11.11 25.16
CA GLY A 161 -8.91 11.12 23.91
C GLY A 161 -9.00 9.81 23.14
N LEU A 162 -9.01 8.68 23.86
CA LEU A 162 -9.23 7.42 23.20
C LEU A 162 -10.67 7.26 22.72
N ARG A 163 -11.62 7.88 23.44
CA ARG A 163 -12.99 7.92 22.95
C ARG A 163 -13.10 8.73 21.65
N SER A 164 -12.39 9.85 21.57
CA SER A 164 -12.38 10.64 20.33
C SER A 164 -11.64 9.95 19.20
N LYS A 165 -10.60 9.17 19.52
CA LYS A 165 -9.87 8.42 18.49
C LYS A 165 -10.71 7.27 17.94
N ILE A 166 -11.48 6.61 18.82
CA ILE A 166 -12.38 5.57 18.34
C ILE A 166 -13.58 6.18 17.61
N LYS A 167 -14.02 7.36 18.04
CA LYS A 167 -15.11 8.06 17.37
C LYS A 167 -14.72 8.51 15.96
N SER A 168 -13.45 8.84 15.76
CA SER A 168 -13.00 9.27 14.44
C SER A 168 -13.00 8.14 13.42
N ASN A 169 -12.91 6.88 13.88
CA ASN A 169 -12.77 5.74 12.99
C ASN A 169 -13.92 4.74 13.04
N PHE A 170 -14.87 4.91 13.96
CA PHE A 170 -16.08 4.09 13.97
C PHE A 170 -17.12 4.73 13.06
N ARG A 171 -17.42 4.06 11.94
CA ARG A 171 -18.49 4.45 11.03
C ARG A 171 -19.65 3.48 11.20
N LEU A 172 -20.81 4.00 11.60
CA LEU A 172 -21.90 3.14 12.04
C LEU A 172 -22.63 2.48 10.87
N LYS A 173 -23.06 3.29 9.90
CA LYS A 173 -23.85 2.74 8.78
C LYS A 173 -22.99 1.98 7.79
N GLU A 174 -21.68 2.23 7.77
CA GLU A 174 -20.78 1.43 6.96
C GLU A 174 -20.53 0.05 7.58
N LEU A 175 -20.71 -0.09 8.89
CA LEU A 175 -20.58 -1.39 9.53
C LEU A 175 -21.92 -2.11 9.63
N LYS A 176 -23.03 -1.36 9.60
CA LYS A 176 -24.34 -1.99 9.55
C LYS A 176 -24.58 -2.58 8.16
N ASN A 177 -24.37 -1.77 7.11
CA ASN A 177 -24.44 -2.18 5.71
C ASN A 177 -23.21 -2.96 5.26
N MET A 178 -22.33 -3.34 6.20
CA MET A 178 -21.12 -4.14 5.97
C MET A 178 -20.18 -3.56 4.92
N LYS A 179 -20.10 -2.23 4.81
CA LYS A 179 -19.29 -1.63 3.76
C LYS A 179 -17.83 -1.50 4.15
N SER A 180 -17.44 -1.99 5.33
CA SER A 180 -16.05 -1.94 5.75
C SER A 180 -15.83 -2.98 6.84
N GLY A 181 -14.55 -3.19 7.15
CA GLY A 181 -14.18 -4.05 8.25
C GLY A 181 -14.07 -3.26 9.53
N LEU A 182 -14.10 -3.95 10.66
CA LEU A 182 -13.96 -3.26 11.94
C LEU A 182 -12.51 -2.84 12.09
N PRO A 183 -12.22 -1.61 12.51
CA PRO A 183 -10.83 -1.14 12.56
C PRO A 183 -10.04 -1.81 13.67
N THR A 184 -8.79 -2.16 13.36
CA THR A 184 -7.82 -2.63 14.34
C THR A 184 -6.49 -1.94 14.08
N THR A 185 -5.75 -1.70 15.16
CA THR A 185 -4.38 -1.20 15.07
C THR A 185 -3.38 -2.36 15.01
N LYS A 186 -2.42 -2.26 14.08
CA LYS A 186 -1.19 -3.04 14.17
C LYS A 186 0.04 -2.18 14.44
N SER A 187 -0.14 -0.87 14.59
CA SER A 187 0.96 0.09 14.66
C SER A 187 1.65 0.03 16.02
N ASP A 188 2.87 0.52 16.06
CA ASP A 188 3.69 0.55 17.26
C ASP A 188 3.86 1.95 17.82
N ASN A 189 3.97 2.95 16.95
CA ASN A 189 3.93 4.36 17.34
C ASN A 189 2.50 4.91 17.36
N PHE A 190 1.59 4.24 18.08
CA PHE A 190 0.23 4.76 18.21
C PHE A 190 0.25 5.98 19.14
N PRO A 191 -0.50 7.04 18.82
CA PRO A 191 -0.45 8.24 19.67
C PRO A 191 -1.17 8.06 21.00
N ILE A 192 -0.95 9.03 21.88
CA ILE A 192 -1.73 9.24 23.10
C ILE A 192 -2.63 10.45 22.86
N PRO A 193 -3.96 10.30 22.84
CA PRO A 193 -4.78 11.31 22.16
C PRO A 193 -5.26 12.52 22.98
N LEU A 194 -5.43 12.39 24.31
CA LEU A 194 -5.32 13.47 25.32
C LEU A 194 -6.17 14.71 24.99
N VAL A 195 -7.49 14.59 25.17
CA VAL A 195 -8.38 15.75 25.14
C VAL A 195 -8.51 16.37 26.53
N LYS A 196 -8.48 17.70 26.60
CA LYS A 196 -8.90 18.41 27.81
C LYS A 196 -9.64 19.66 27.37
N GLN A 197 -10.87 19.83 27.85
CA GLN A 197 -11.86 20.73 27.25
C GLN A 197 -11.41 22.19 27.36
N LYS A 198 -11.77 23.00 26.36
CA LYS A 198 -11.27 24.36 26.24
C LYS A 198 -12.34 25.40 25.93
N GLY A 199 -13.60 24.99 25.76
CA GLY A 199 -14.65 25.92 25.39
C GLY A 199 -15.16 26.74 26.57
N GLY A 200 -15.35 28.03 26.32
CA GLY A 200 -16.27 28.84 27.11
C GLY A 200 -15.72 29.35 28.43
N GLN A 201 -15.71 28.49 29.45
CA GLN A 201 -15.10 28.81 30.73
C GLN A 201 -13.84 28.00 30.99
N TYR A 202 -13.48 27.11 30.08
CA TYR A 202 -12.30 26.26 30.19
C TYR A 202 -11.16 26.86 29.38
N THR A 203 -9.93 26.45 29.72
CA THR A 203 -8.73 26.96 29.08
C THR A 203 -8.03 25.92 28.23
N GLY A 204 -7.76 24.73 28.79
CA GLY A 204 -7.15 23.68 28.00
C GLY A 204 -5.65 23.60 28.15
N PHE A 205 -5.21 22.66 28.99
CA PHE A 205 -3.86 22.11 29.11
C PHE A 205 -2.82 23.06 29.72
N GLU A 206 -3.15 24.35 29.86
CA GLU A 206 -2.45 25.32 30.71
C GLU A 206 -0.98 25.46 30.27
N ILE A 207 -0.82 26.03 29.09
CA ILE A 207 0.50 26.36 28.57
C ILE A 207 1.02 27.63 29.23
N SER A 208 2.10 27.50 30.00
CA SER A 208 2.82 28.59 30.64
C SER A 208 4.11 28.92 29.90
N ASN A 209 4.52 30.18 29.98
CA ASN A 209 5.65 30.74 29.23
C ASN A 209 6.67 31.33 30.21
N HIS A 210 7.59 30.50 30.71
CA HIS A 210 8.30 30.82 31.94
C HIS A 210 9.43 31.83 31.69
N ASN A 211 10.42 31.47 30.87
CA ASN A 211 11.37 32.44 30.32
C ASN A 211 11.50 32.24 28.81
N SER A 212 10.55 32.82 28.06
CA SER A 212 10.42 32.63 26.60
C SER A 212 10.41 31.16 26.19
N ASP A 213 9.82 30.32 27.02
CA ASP A 213 9.80 28.88 26.78
C ASP A 213 8.38 28.41 26.55
N PHE A 214 8.26 27.22 25.97
CA PHE A 214 6.98 26.57 25.72
C PHE A 214 6.84 25.43 26.73
N ILE A 215 6.23 25.72 27.88
CA ILE A 215 5.93 24.70 28.87
C ILE A 215 4.47 24.29 28.71
N ILE A 216 4.24 22.99 28.56
CA ILE A 216 2.88 22.45 28.55
C ILE A 216 2.73 21.56 29.76
N LYS A 217 1.51 21.51 30.30
CA LYS A 217 1.24 20.76 31.52
C LYS A 217 0.22 19.67 31.19
N ILE A 218 0.52 18.44 31.57
CA ILE A 218 -0.35 17.31 31.25
C ILE A 218 -0.93 16.81 32.56
N PRO A 219 -2.26 16.77 32.72
CA PRO A 219 -2.85 16.32 33.98
C PRO A 219 -2.68 14.81 34.11
N PHE A 220 -2.05 14.37 35.20
CA PHE A 220 -1.64 12.98 35.27
C PHE A 220 -1.73 12.51 36.71
N GLY A 221 -1.74 11.18 36.87
CA GLY A 221 -1.81 10.58 38.18
C GLY A 221 -0.43 10.30 38.74
N ARG A 222 -0.41 9.66 39.92
CA ARG A 222 0.84 9.32 40.59
C ARG A 222 1.15 7.87 40.22
N TRP A 223 2.13 7.70 39.33
CA TRP A 223 2.50 6.37 38.88
C TRP A 223 3.30 5.61 39.93
N GLN A 224 2.93 4.35 40.16
CA GLN A 224 3.63 3.45 41.08
C GLN A 224 4.05 2.21 40.30
N VAL A 225 5.33 1.85 40.41
CA VAL A 225 5.86 0.69 39.68
C VAL A 225 5.19 -0.59 40.18
N LYS A 226 4.73 -1.43 39.25
CA LYS A 226 4.20 -2.75 39.56
C LYS A 226 5.14 -3.58 40.42
N LYS A 227 4.57 -4.34 41.36
CA LYS A 227 5.38 -5.19 42.22
C LYS A 227 5.90 -6.41 41.45
N GLU A 228 5.00 -7.17 40.85
CA GLU A 228 5.34 -8.34 40.05
C GLU A 228 5.12 -8.00 38.58
N ILE A 229 6.20 -7.61 37.90
CA ILE A 229 6.13 -7.27 36.48
C ILE A 229 6.04 -8.55 35.66
N ASP A 230 5.19 -8.55 34.63
CA ASP A 230 4.99 -9.73 33.81
C ASP A 230 6.16 -9.90 32.85
N LYS A 231 6.69 -11.12 32.75
CA LYS A 231 7.85 -11.35 31.91
C LYS A 231 7.52 -11.45 30.43
N TYR A 232 6.27 -11.76 30.08
CA TYR A 232 5.89 -11.77 28.67
C TYR A 232 5.69 -10.35 28.15
N ARG A 233 5.09 -9.49 28.98
CA ARG A 233 4.88 -8.08 28.70
C ARG A 233 5.64 -7.21 29.70
N PRO A 234 6.94 -6.99 29.47
CA PRO A 234 7.74 -6.25 30.46
C PRO A 234 7.66 -4.73 30.32
N TRP A 235 6.99 -4.22 29.29
CA TRP A 235 6.79 -2.78 29.16
C TRP A 235 5.76 -2.26 30.16
N GLU A 236 4.87 -3.11 30.65
CA GLU A 236 3.78 -2.72 31.56
C GLU A 236 4.32 -2.75 32.98
N LYS A 237 4.72 -1.59 33.50
CA LYS A 237 5.32 -1.54 34.83
C LYS A 237 4.91 -0.29 35.59
N PHE A 238 3.67 0.17 35.41
CA PHE A 238 3.17 1.31 36.17
C PHE A 238 1.70 1.08 36.50
N ASP A 239 1.14 1.97 37.33
CA ASP A 239 -0.20 1.73 37.86
C ASP A 239 -1.22 2.85 37.68
N PHE A 240 -0.77 4.11 37.69
CA PHE A 240 -1.56 5.28 37.28
C PHE A 240 -2.81 5.44 38.15
N GLU A 241 -2.57 5.86 39.39
CA GLU A 241 -3.67 6.25 40.29
C GLU A 241 -4.49 7.41 39.73
N GLN A 242 -5.70 7.56 40.29
CA GLN A 242 -6.66 8.54 39.83
C GLN A 242 -6.18 9.97 40.08
N VAL A 243 -6.36 10.84 39.07
CA VAL A 243 -5.87 12.21 39.10
C VAL A 243 -6.55 13.05 40.19
N GLN A 244 -7.71 12.63 40.67
CA GLN A 244 -8.34 13.33 41.79
C GLN A 244 -7.82 12.85 43.13
N LYS A 245 -7.51 11.56 43.25
CA LYS A 245 -6.94 11.04 44.50
C LYS A 245 -5.54 11.59 44.72
N SER A 246 -4.61 11.28 43.81
CA SER A 246 -3.22 11.70 43.93
C SER A 246 -2.74 12.20 42.58
N PRO A 247 -2.86 13.50 42.32
CA PRO A 247 -2.35 14.04 41.06
C PRO A 247 -0.83 14.16 41.08
N LYS A 248 -0.27 14.26 39.86
CA LYS A 248 1.15 14.47 39.62
C LYS A 248 1.35 14.87 38.16
N PRO A 249 1.06 16.11 37.78
CA PRO A 249 1.01 16.48 36.36
C PRO A 249 2.41 16.51 35.72
N ILE A 250 2.54 15.83 34.59
CA ILE A 250 3.77 15.85 33.81
C ILE A 250 3.84 17.15 33.01
N SER A 251 4.71 18.07 33.42
CA SER A 251 5.00 19.21 32.55
C SER A 251 6.16 18.90 31.60
N LEU A 252 6.05 19.39 30.37
CA LEU A 252 7.02 19.12 29.32
C LEU A 252 7.46 20.43 28.68
N LEU A 253 8.77 20.59 28.50
CA LEU A 253 9.31 21.72 27.75
C LEU A 253 9.41 21.34 26.27
N LEU A 254 9.03 22.27 25.40
CA LEU A 254 8.91 22.00 23.97
C LEU A 254 9.82 22.91 23.19
N SER A 255 10.37 22.39 22.09
CA SER A 255 11.56 22.95 21.46
C SER A 255 11.17 24.07 20.50
N THR A 256 11.48 25.31 20.89
CA THR A 256 11.25 26.47 20.05
C THR A 256 12.52 27.28 19.84
N GLN A 257 13.68 26.69 20.12
CA GLN A 257 14.94 27.43 20.04
C GLN A 257 15.39 27.60 18.60
N ARG A 258 15.20 26.55 17.79
CA ARG A 258 15.50 26.63 16.37
C ARG A 258 14.52 27.56 15.67
N ARG A 259 13.27 27.58 16.12
CA ARG A 259 12.24 28.40 15.49
C ARG A 259 12.40 29.88 15.78
N LYS A 260 13.15 30.25 16.83
CA LYS A 260 13.43 31.65 17.10
C LYS A 260 14.48 32.24 16.18
N ARG A 261 15.23 31.39 15.46
CA ARG A 261 16.20 31.85 14.47
C ARG A 261 15.60 31.93 13.08
N ASN A 262 14.43 31.34 12.87
CA ASN A 262 13.76 31.31 11.57
C ASN A 262 13.32 32.71 11.16
N LYS A 263 13.16 32.90 9.84
CA LYS A 263 13.16 34.24 9.25
C LYS A 263 11.94 35.04 9.68
N GLY A 264 10.75 34.46 9.56
CA GLY A 264 9.60 35.02 10.25
C GLY A 264 9.32 34.33 11.56
N TRP A 265 9.92 34.86 12.63
CA TRP A 265 9.41 34.75 13.99
C TRP A 265 8.86 36.07 14.50
N SER A 266 9.40 37.18 14.01
CA SER A 266 8.80 38.50 14.19
C SER A 266 7.85 38.83 13.03
N LYS A 267 6.86 37.97 12.86
CA LYS A 267 5.84 38.17 11.83
C LYS A 267 4.48 37.84 12.45
N ASP A 268 3.46 37.71 11.60
CA ASP A 268 2.08 37.57 12.06
C ASP A 268 1.31 36.47 11.33
N GLU A 269 1.98 35.58 10.60
CA GLU A 269 1.25 34.61 9.80
C GLU A 269 1.77 33.18 9.89
N GLY A 270 3.06 32.95 10.15
CA GLY A 270 3.63 31.62 9.99
C GLY A 270 3.25 30.62 11.07
N THR A 271 3.97 29.51 11.12
CA THR A 271 3.87 28.61 12.27
C THR A 271 4.48 29.22 13.53
N GLU A 272 5.47 30.09 13.35
CA GLU A 272 6.10 30.77 14.48
C GLU A 272 5.20 31.82 15.12
N ALA A 273 4.34 32.48 14.34
CA ALA A 273 3.36 33.37 14.96
C ALA A 273 2.24 32.61 15.65
N GLU A 274 1.91 31.41 15.19
CA GLU A 274 0.96 30.58 15.91
C GLU A 274 1.54 30.11 17.24
N ILE A 275 2.86 29.83 17.27
CA ILE A 275 3.47 29.39 18.51
C ILE A 275 3.67 30.57 19.47
N LYS A 276 3.94 31.77 18.94
CA LYS A 276 3.95 32.97 19.77
C LYS A 276 2.58 33.27 20.36
N LYS A 277 1.50 32.98 19.62
CA LYS A 277 0.18 33.24 20.16
C LYS A 277 -0.20 32.22 21.21
N VAL A 278 0.11 30.93 20.98
CA VAL A 278 -0.12 29.90 22.00
C VAL A 278 0.72 30.17 23.25
N MET A 279 1.91 30.75 23.08
CA MET A 279 2.73 31.15 24.22
C MET A 279 2.10 32.34 24.95
N ASN A 280 1.47 33.26 24.20
CA ASN A 280 0.82 34.41 24.81
C ASN A 280 -0.35 34.03 25.72
N GLY A 281 -1.01 32.90 25.43
CA GLY A 281 -2.27 32.55 26.06
C GLY A 281 -3.49 32.69 25.16
N ASP A 282 -3.35 33.33 24.01
CA ASP A 282 -4.26 33.13 22.88
C ASP A 282 -4.09 31.73 22.29
N TYR A 283 -5.04 31.37 21.42
CA TYR A 283 -5.11 30.09 20.71
C TYR A 283 -4.99 28.88 21.65
N GLN A 284 -6.06 28.72 22.45
CA GLN A 284 -6.21 27.54 23.30
C GLN A 284 -6.22 26.24 22.47
N THR A 285 -5.64 25.18 23.06
CA THR A 285 -5.62 23.86 22.45
C THR A 285 -6.46 22.88 23.27
N SER A 286 -7.22 22.03 22.57
CA SER A 286 -8.01 20.98 23.21
C SER A 286 -7.53 19.58 22.90
N TYR A 287 -6.50 19.42 22.07
CA TYR A 287 -6.08 18.10 21.61
C TYR A 287 -4.56 18.06 21.57
N ILE A 288 -4.01 16.91 21.97
CA ILE A 288 -2.57 16.70 22.10
C ILE A 288 -2.29 15.26 21.70
N GLU A 289 -1.37 15.05 20.77
CA GLU A 289 -0.89 13.70 20.49
C GLU A 289 0.59 13.58 20.75
N VAL A 290 0.98 12.55 21.51
CA VAL A 290 2.38 12.27 21.81
C VAL A 290 2.77 11.03 21.02
N LYS A 291 3.69 11.21 20.07
CA LYS A 291 4.22 10.10 19.29
C LYS A 291 5.73 10.04 19.39
N ARG A 292 6.29 8.92 18.93
CA ARG A 292 7.74 8.83 18.78
C ARG A 292 8.19 9.38 17.44
N GLY A 293 9.36 10.00 17.44
CA GLY A 293 10.09 10.31 16.22
C GLY A 293 11.02 9.19 15.82
N SER A 294 12.09 9.56 15.11
CA SER A 294 13.12 8.60 14.76
C SER A 294 14.09 8.44 15.92
N LYS A 295 14.81 7.31 15.90
CA LYS A 295 15.72 6.96 17.00
C LYS A 295 16.99 7.81 16.92
N ILE A 296 16.91 9.01 17.48
CA ILE A 296 18.00 9.98 17.41
C ILE A 296 19.06 9.55 18.42
N CYS A 297 20.10 8.85 17.94
CA CYS A 297 21.22 8.33 18.73
C CYS A 297 20.72 7.43 19.88
N GLU A 298 20.15 6.30 19.45
CA GLU A 298 19.71 5.09 20.19
C GLU A 298 18.62 5.36 21.23
N LYS A 299 18.12 6.59 21.32
CA LYS A 299 17.01 6.95 22.18
C LYS A 299 16.02 7.79 21.39
N SER A 300 14.76 7.35 21.36
CA SER A 300 13.78 7.89 20.43
C SER A 300 13.36 9.29 20.84
N ALA A 301 13.19 10.15 19.83
CA ALA A 301 12.63 11.48 20.05
C ALA A 301 11.10 11.37 20.19
N TRP A 302 10.54 12.12 21.12
CA TRP A 302 9.10 12.17 21.32
C TRP A 302 8.59 13.52 20.84
N MET A 303 7.63 13.50 19.91
CA MET A 303 7.00 14.69 19.39
C MET A 303 5.60 14.86 19.97
N LEU A 304 5.11 16.10 19.94
CA LEU A 304 3.82 16.47 20.51
C LEU A 304 3.06 17.38 19.55
N ASN A 305 1.88 16.94 19.13
CA ASN A 305 1.05 17.71 18.17
C ASN A 305 -0.02 18.50 18.92
N LEU A 306 -0.01 19.83 18.78
CA LEU A 306 -1.01 20.70 19.46
C LEU A 306 -2.10 21.09 18.48
N SER A 307 -3.28 20.44 18.52
CA SER A 307 -4.35 20.90 17.64
C SER A 307 -4.83 22.29 18.03
N ILE A 308 -5.19 23.09 17.02
CA ILE A 308 -5.27 24.54 17.18
C ILE A 308 -6.32 25.08 16.21
N ASP A 309 -7.09 26.07 16.66
CA ASP A 309 -8.14 26.69 15.86
C ASP A 309 -7.74 28.12 15.50
N VAL A 310 -7.58 28.38 14.20
CA VAL A 310 -6.93 29.59 13.71
C VAL A 310 -7.95 30.40 12.93
N PRO A 311 -8.03 31.73 13.11
CA PRO A 311 -8.96 32.54 12.32
C PRO A 311 -8.54 32.69 10.87
N LYS A 312 -9.34 33.40 10.07
CA LYS A 312 -9.01 33.65 8.67
C LYS A 312 -8.37 35.03 8.51
N ILE A 313 -7.49 35.14 7.52
CA ILE A 313 -6.71 36.34 7.27
C ILE A 313 -7.40 37.13 6.19
N ASP A 314 -7.22 38.47 6.21
CA ASP A 314 -8.09 39.34 5.42
C ASP A 314 -7.65 39.37 3.96
N LYS A 315 -6.41 39.83 3.72
CA LYS A 315 -5.73 39.88 2.42
C LYS A 315 -6.38 40.75 1.34
N GLY A 316 -7.52 41.36 1.62
CA GLY A 316 -8.17 42.28 0.69
C GLY A 316 -8.67 41.59 -0.56
N VAL A 317 -9.41 40.50 -0.35
CA VAL A 317 -9.65 39.48 -1.36
C VAL A 317 -11.16 39.32 -1.52
N ASP A 318 -11.64 39.47 -2.76
CA ASP A 318 -13.07 39.57 -3.01
C ASP A 318 -13.53 38.50 -4.00
N PRO A 319 -14.69 37.89 -3.77
CA PRO A 319 -15.15 36.78 -4.62
C PRO A 319 -15.78 37.18 -5.95
N SER A 320 -15.71 38.46 -6.35
CA SER A 320 -16.11 38.85 -7.69
C SER A 320 -15.03 38.58 -8.73
N ILE A 321 -13.80 38.30 -8.32
CA ILE A 321 -12.75 37.81 -9.20
C ILE A 321 -12.59 36.31 -8.99
N ILE A 322 -12.71 35.55 -10.07
CA ILE A 322 -12.86 34.09 -10.00
C ILE A 322 -11.70 33.45 -10.76
N GLY A 323 -11.03 32.49 -10.11
CA GLY A 323 -9.88 31.81 -10.68
C GLY A 323 -10.13 30.32 -10.87
N GLY A 324 -9.16 29.67 -11.50
CA GLY A 324 -9.28 28.24 -11.79
C GLY A 324 -7.93 27.59 -11.90
N ILE A 325 -7.88 26.30 -11.60
CA ILE A 325 -6.64 25.53 -11.50
C ILE A 325 -6.84 24.23 -12.27
N ASP A 326 -5.98 23.96 -13.26
CA ASP A 326 -6.05 22.71 -14.01
C ASP A 326 -4.96 21.73 -13.53
N VAL A 327 -5.38 20.68 -12.84
CA VAL A 327 -4.47 19.65 -12.32
C VAL A 327 -4.10 18.69 -13.45
N GLY A 328 -2.85 18.74 -13.90
CA GLY A 328 -2.37 17.86 -14.94
C GLY A 328 -1.11 17.13 -14.50
N VAL A 329 -0.82 16.02 -15.19
CA VAL A 329 0.40 15.26 -14.94
C VAL A 329 1.58 15.76 -15.77
N LYS A 330 1.37 16.12 -17.05
CA LYS A 330 2.45 16.73 -17.84
C LYS A 330 2.72 18.15 -17.36
N SER A 331 1.72 19.00 -17.46
CA SER A 331 1.96 20.31 -16.86
C SER A 331 1.38 20.28 -15.45
N PRO A 332 2.17 20.65 -14.42
CA PRO A 332 1.83 20.28 -13.03
C PRO A 332 0.57 20.94 -12.52
N LEU A 333 0.55 22.26 -12.51
CA LEU A 333 -0.58 23.05 -12.06
C LEU A 333 -0.52 24.38 -12.79
N VAL A 334 -1.61 24.74 -13.46
CA VAL A 334 -1.71 26.00 -14.18
C VAL A 334 -2.94 26.75 -13.68
N CYS A 335 -2.72 27.99 -13.26
CA CYS A 335 -3.74 28.84 -12.66
C CYS A 335 -4.14 29.91 -13.65
N ALA A 336 -5.45 30.12 -13.80
CA ALA A 336 -6.01 31.09 -14.72
C ALA A 336 -6.94 32.03 -13.96
N ILE A 337 -7.11 33.24 -14.50
CA ILE A 337 -8.07 34.22 -13.99
C ILE A 337 -9.10 34.45 -15.09
N ASN A 338 -10.32 34.84 -14.69
CA ASN A 338 -11.48 34.74 -15.57
C ASN A 338 -11.44 35.76 -16.71
N ASN A 339 -10.95 36.97 -16.45
CA ASN A 339 -10.94 38.02 -17.46
C ASN A 339 -9.65 38.83 -17.52
N ALA A 340 -8.64 38.50 -16.71
CA ALA A 340 -7.59 39.44 -16.36
C ALA A 340 -6.34 39.27 -17.22
N PHE A 341 -6.32 38.26 -18.10
CA PHE A 341 -5.17 37.90 -18.95
C PHE A 341 -3.94 37.55 -18.11
N SER A 342 -4.16 36.98 -16.94
CA SER A 342 -3.10 36.59 -16.02
C SER A 342 -3.07 35.07 -15.90
N ARG A 343 -1.88 34.55 -15.63
CA ARG A 343 -1.58 33.15 -15.89
C ARG A 343 -0.44 32.75 -14.98
N TYR A 344 -0.48 31.52 -14.47
CA TYR A 344 0.63 31.03 -13.66
C TYR A 344 0.84 29.55 -13.97
N SER A 345 2.09 29.12 -13.97
CA SER A 345 2.41 27.78 -14.44
C SER A 345 3.60 27.23 -13.65
N ILE A 346 3.40 26.07 -13.03
CA ILE A 346 4.43 25.48 -12.17
C ILE A 346 5.54 24.91 -13.05
N SER A 347 6.80 25.11 -12.63
CA SER A 347 7.92 24.68 -13.46
C SER A 347 9.01 23.97 -12.66
N ASP A 348 8.71 23.51 -11.44
CA ASP A 348 9.74 23.01 -10.54
C ASP A 348 10.10 21.56 -10.86
N ASN A 349 10.80 20.90 -9.93
CA ASN A 349 10.87 19.45 -9.94
C ASN A 349 9.47 18.89 -9.68
N ASP A 350 9.17 17.75 -10.29
CA ASP A 350 7.82 17.22 -10.28
C ASP A 350 7.70 16.08 -9.27
N LEU A 351 6.51 15.99 -8.65
CA LEU A 351 6.20 14.85 -7.81
C LEU A 351 5.97 13.57 -8.61
N PHE A 352 5.53 13.69 -9.86
CA PHE A 352 5.32 12.49 -10.68
C PHE A 352 6.63 11.82 -11.04
N HIS A 353 7.65 12.60 -11.41
CA HIS A 353 8.96 12.03 -11.72
C HIS A 353 9.64 11.48 -10.48
N PHE A 354 9.42 12.14 -9.34
CA PHE A 354 9.96 11.65 -8.08
C PHE A 354 9.30 10.34 -7.68
N ASN A 355 7.97 10.23 -7.88
CA ASN A 355 7.28 8.98 -7.56
C ASN A 355 7.72 7.84 -8.49
N LYS A 356 7.99 8.18 -9.76
CA LYS A 356 8.50 7.15 -10.71
C LYS A 356 9.88 6.69 -10.26
N LYS A 357 10.74 7.63 -9.86
CA LYS A 357 12.09 7.29 -9.41
C LYS A 357 12.07 6.44 -8.15
N MET A 358 11.25 6.83 -7.16
CA MET A 358 11.13 6.05 -5.93
C MET A 358 10.52 4.68 -6.18
N PHE A 359 9.56 4.58 -7.10
CA PHE A 359 8.98 3.29 -7.45
C PHE A 359 9.97 2.41 -8.19
N ALA A 360 10.80 3.01 -9.05
CA ALA A 360 11.82 2.25 -9.78
C ALA A 360 12.86 1.69 -8.83
N ARG A 361 13.35 2.51 -7.89
CA ARG A 361 14.32 2.07 -6.90
C ARG A 361 13.71 1.00 -5.99
N ARG A 362 12.45 1.17 -5.62
CA ARG A 362 11.75 0.18 -4.79
C ARG A 362 11.57 -1.13 -5.56
N ARG A 363 11.40 -1.03 -6.89
CA ARG A 363 11.30 -2.24 -7.71
C ARG A 363 12.63 -2.99 -7.76
N ILE A 364 13.75 -2.27 -7.89
CA ILE A 364 15.08 -2.91 -7.82
C ILE A 364 15.30 -3.58 -6.48
N LEU A 365 15.05 -2.87 -5.38
CA LEU A 365 15.34 -3.40 -4.05
C LEU A 365 14.45 -4.59 -3.70
N LEU A 366 13.24 -4.65 -4.24
CA LEU A 366 12.35 -5.77 -3.95
C LEU A 366 12.50 -6.94 -4.93
N LYS A 367 13.31 -6.77 -5.98
CA LYS A 367 13.17 -7.56 -7.21
C LYS A 367 13.50 -9.04 -7.01
N LYS A 368 14.52 -9.36 -6.20
CA LYS A 368 14.84 -10.75 -5.85
C LYS A 368 15.26 -10.78 -4.38
N ASN A 369 14.30 -10.92 -3.48
CA ASN A 369 14.58 -10.77 -2.06
C ASN A 369 15.02 -12.05 -1.38
N ARG A 370 14.82 -13.22 -2.02
CA ARG A 370 14.70 -14.50 -1.30
C ARG A 370 15.97 -14.86 -0.54
N HIS A 371 17.13 -14.42 -1.02
CA HIS A 371 18.41 -14.65 -0.35
C HIS A 371 19.09 -13.36 0.07
N LYS A 372 18.41 -12.22 -0.03
CA LYS A 372 19.09 -10.93 0.00
C LYS A 372 19.49 -10.54 1.43
N ARG A 373 18.50 -10.34 2.30
CA ARG A 373 18.71 -10.29 3.77
C ARG A 373 17.66 -11.18 4.48
N ALA A 374 17.91 -12.47 4.51
CA ALA A 374 16.90 -13.42 4.96
C ALA A 374 17.27 -13.97 6.33
N GLY A 375 16.25 -14.35 7.10
CA GLY A 375 16.44 -15.05 8.35
C GLY A 375 16.16 -14.27 9.61
N HIS A 376 15.91 -12.95 9.54
CA HIS A 376 15.74 -12.19 10.77
C HIS A 376 14.45 -11.38 10.80
N GLY A 377 13.42 -11.81 10.08
CA GLY A 377 12.11 -11.23 10.22
C GLY A 377 11.70 -10.42 8.99
N ALA A 378 10.41 -10.05 8.98
CA ALA A 378 9.87 -9.20 7.93
C ALA A 378 10.35 -7.76 8.06
N LYS A 379 10.37 -7.23 9.29
CA LYS A 379 10.73 -5.84 9.54
C LYS A 379 12.17 -5.57 9.13
N ASN A 380 13.08 -6.46 9.54
CA ASN A 380 14.50 -6.33 9.22
C ASN A 380 14.73 -6.45 7.72
N LYS A 381 14.03 -7.39 7.07
CA LYS A 381 14.21 -7.64 5.64
C LYS A 381 13.89 -6.44 4.78
N LEU A 382 12.86 -5.67 5.13
CA LEU A 382 12.46 -4.54 4.31
C LEU A 382 12.97 -3.21 4.84
N LYS A 383 14.16 -3.19 5.43
CA LYS A 383 14.74 -2.02 6.08
C LYS A 383 15.21 -0.92 5.11
N PRO A 384 15.93 -1.19 3.99
CA PRO A 384 16.36 -0.07 3.12
C PRO A 384 15.25 0.73 2.48
N ILE A 385 14.15 0.07 2.08
CA ILE A 385 13.04 0.76 1.41
C ILE A 385 12.33 1.74 2.34
N THR A 386 12.06 1.36 3.60
CA THR A 386 11.29 2.20 4.52
C THR A 386 12.01 3.51 4.85
N ILE A 387 13.34 3.43 5.05
CA ILE A 387 14.16 4.62 5.27
C ILE A 387 13.98 5.62 4.13
N LEU A 388 13.84 5.12 2.89
CA LEU A 388 13.53 6.01 1.78
C LEU A 388 12.06 6.42 1.74
N THR A 389 11.16 5.62 2.32
CA THR A 389 9.74 5.99 2.30
C THR A 389 9.43 7.17 3.22
N GLU A 390 10.07 7.22 4.39
CA GLU A 390 9.92 8.41 5.25
C GLU A 390 10.43 9.67 4.55
N LYS A 391 11.61 9.59 3.91
CA LYS A 391 12.19 10.75 3.25
C LYS A 391 11.35 11.17 2.05
N SER A 392 10.78 10.20 1.32
CA SER A 392 10.00 10.53 0.14
C SER A 392 8.66 11.15 0.52
N GLU A 393 8.04 10.65 1.61
CA GLU A 393 6.83 11.30 2.10
C GLU A 393 7.08 12.73 2.56
N ARG A 394 8.21 12.97 3.23
CA ARG A 394 8.54 14.34 3.65
C ARG A 394 8.83 15.24 2.45
N PHE A 395 9.49 14.71 1.42
CA PHE A 395 9.82 15.52 0.25
C PHE A 395 8.57 15.83 -0.56
N ARG A 396 7.70 14.82 -0.74
CA ARG A 396 6.39 14.97 -1.35
C ARG A 396 5.59 16.07 -0.67
N LYS A 397 5.44 15.97 0.65
CA LYS A 397 4.65 16.92 1.43
C LYS A 397 5.20 18.34 1.31
N LYS A 398 6.52 18.49 1.36
CA LYS A 398 7.09 19.83 1.28
C LYS A 398 7.00 20.41 -0.13
N LEU A 399 7.05 19.55 -1.16
CA LEU A 399 6.89 20.03 -2.53
C LEU A 399 5.46 20.47 -2.80
N ILE A 400 4.48 19.68 -2.36
CA ILE A 400 3.07 20.05 -2.51
C ILE A 400 2.78 21.34 -1.75
N GLU A 401 3.36 21.51 -0.55
CA GLU A 401 3.10 22.74 0.19
C GLU A 401 3.78 23.95 -0.44
N ARG A 402 4.94 23.77 -1.07
CA ARG A 402 5.55 24.91 -1.76
C ARG A 402 4.77 25.29 -3.01
N TRP A 403 4.25 24.30 -3.74
CA TRP A 403 3.36 24.59 -4.87
C TRP A 403 2.10 25.31 -4.41
N ALA A 404 1.52 24.88 -3.28
CA ALA A 404 0.32 25.52 -2.76
C ALA A 404 0.58 26.96 -2.34
N CYS A 405 1.76 27.24 -1.78
CA CYS A 405 2.07 28.63 -1.45
C CYS A 405 2.32 29.48 -2.69
N GLU A 406 2.90 28.90 -3.74
CA GLU A 406 3.09 29.68 -4.96
C GLU A 406 1.74 30.00 -5.63
N ILE A 407 0.83 29.01 -5.63
CA ILE A 407 -0.53 29.21 -6.14
C ILE A 407 -1.26 30.27 -5.33
N ALA A 408 -1.21 30.16 -4.00
CA ALA A 408 -1.91 31.12 -3.15
C ALA A 408 -1.31 32.52 -3.25
N ASP A 409 0.00 32.64 -3.44
CA ASP A 409 0.61 33.95 -3.60
C ASP A 409 0.23 34.58 -4.93
N PHE A 410 0.08 33.75 -5.97
CA PHE A 410 -0.43 34.22 -7.25
C PHE A 410 -1.87 34.74 -7.10
N PHE A 411 -2.74 33.92 -6.48
CA PHE A 411 -4.16 34.26 -6.39
C PHE A 411 -4.41 35.45 -5.47
N ILE A 412 -3.59 35.63 -4.44
CA ILE A 412 -3.72 36.79 -3.57
C ILE A 412 -3.18 38.04 -4.25
N LYS A 413 -2.11 37.88 -5.06
CA LYS A 413 -1.57 39.01 -5.80
C LYS A 413 -2.56 39.56 -6.83
N ASN A 414 -3.43 38.71 -7.39
CA ASN A 414 -4.49 39.18 -8.27
C ASN A 414 -5.85 39.34 -7.59
N LYS A 415 -5.89 39.25 -6.24
CA LYS A 415 -7.09 39.54 -5.43
C LYS A 415 -8.27 38.63 -5.79
N VAL A 416 -8.01 37.33 -5.90
CA VAL A 416 -8.98 36.39 -6.44
C VAL A 416 -9.67 35.68 -5.28
N GLY A 417 -11.00 35.77 -5.23
CA GLY A 417 -11.74 35.32 -4.07
C GLY A 417 -12.33 33.92 -4.15
N THR A 418 -12.67 33.46 -5.35
CA THR A 418 -13.24 32.13 -5.54
C THR A 418 -12.39 31.38 -6.54
N VAL A 419 -11.75 30.30 -6.08
CA VAL A 419 -10.96 29.44 -6.94
C VAL A 419 -11.79 28.18 -7.18
N GLN A 420 -12.23 27.98 -8.42
CA GLN A 420 -12.95 26.75 -8.73
C GLN A 420 -11.93 25.68 -9.08
N MET A 421 -12.27 24.43 -8.74
CA MET A 421 -11.40 23.30 -9.03
C MET A 421 -12.26 22.15 -9.54
N GLU A 422 -11.61 21.17 -10.19
CA GLU A 422 -12.31 19.99 -10.70
C GLU A 422 -12.79 19.11 -9.55
N ASN A 423 -13.80 18.29 -9.85
CA ASN A 423 -14.43 17.46 -8.83
C ASN A 423 -13.56 16.25 -8.50
N LEU A 424 -13.28 15.41 -9.50
CA LEU A 424 -12.32 14.28 -9.42
C LEU A 424 -12.70 13.24 -8.38
N GLU A 425 -13.99 13.14 -8.03
CA GLU A 425 -14.45 12.12 -7.11
C GLU A 425 -14.72 10.79 -7.82
N SER A 426 -14.75 10.80 -9.14
CA SER A 426 -15.01 9.62 -9.96
C SER A 426 -13.76 9.00 -10.54
N MET A 427 -12.61 9.67 -10.43
CA MET A 427 -11.34 9.15 -10.96
C MET A 427 -10.92 7.86 -10.26
N LYS A 428 -11.16 7.77 -8.95
CA LYS A 428 -10.76 6.60 -8.17
C LYS A 428 -11.45 5.32 -8.63
N ARG A 429 -12.65 5.42 -9.21
CA ARG A 429 -13.42 4.26 -9.63
C ARG A 429 -13.08 3.77 -11.03
N LYS A 430 -12.19 4.47 -11.75
CA LYS A 430 -11.83 4.16 -13.14
C LYS A 430 -11.41 2.71 -13.32
N GLU A 431 -11.94 2.07 -14.36
CA GLU A 431 -11.57 0.71 -14.73
C GLU A 431 -10.40 0.63 -15.71
N ASP A 432 -9.78 1.76 -16.06
CA ASP A 432 -8.71 1.76 -17.06
C ASP A 432 -7.45 1.10 -16.51
N SER A 433 -6.92 0.14 -17.28
CA SER A 433 -5.72 -0.60 -16.87
C SER A 433 -4.50 0.32 -16.78
N TYR A 434 -4.37 1.23 -17.75
CA TYR A 434 -3.23 2.16 -17.79
C TYR A 434 -3.23 3.06 -16.56
N PHE A 435 -4.41 3.60 -16.22
CA PHE A 435 -4.53 4.49 -15.06
C PHE A 435 -4.18 3.73 -13.78
N ASN A 436 -4.68 2.50 -13.67
CA ASN A 436 -4.49 1.63 -12.51
C ASN A 436 -3.02 1.25 -12.31
N ILE A 437 -2.29 0.93 -13.38
CA ILE A 437 -0.94 0.39 -13.26
C ILE A 437 0.14 1.44 -13.46
N ARG A 438 -0.16 2.50 -14.22
CA ARG A 438 0.90 3.50 -14.53
C ARG A 438 0.59 4.90 -13.97
N LEU A 439 -0.63 5.16 -13.48
CA LEU A 439 -0.93 6.52 -13.05
C LEU A 439 -1.64 6.61 -11.69
N ARG A 440 -2.10 5.49 -11.12
CA ARG A 440 -2.89 5.55 -9.88
C ARG A 440 -2.05 5.95 -8.68
N GLY A 441 -1.04 5.16 -8.34
CA GLY A 441 -0.32 5.35 -7.10
C GLY A 441 0.80 6.36 -7.15
N PHE A 442 1.07 6.97 -8.31
CA PHE A 442 2.19 7.88 -8.44
C PHE A 442 1.77 9.33 -8.69
N TRP A 443 0.48 9.58 -8.89
CA TRP A 443 -0.06 10.92 -9.18
C TRP A 443 -1.03 11.29 -8.07
N PRO A 444 -0.57 11.92 -6.98
CA PRO A 444 -1.53 12.45 -6.00
C PRO A 444 -2.26 13.70 -6.48
N TYR A 445 -3.33 13.52 -7.26
CA TYR A 445 -4.14 14.66 -7.68
C TYR A 445 -4.96 15.23 -6.53
N ALA A 446 -5.48 14.36 -5.66
CA ALA A 446 -6.38 14.81 -4.59
C ALA A 446 -5.62 15.27 -3.36
N GLU A 447 -4.42 14.75 -3.11
CA GLU A 447 -3.62 15.30 -2.01
C GLU A 447 -3.13 16.70 -2.36
N MET A 448 -2.74 16.89 -3.63
CA MET A 448 -2.46 18.22 -4.16
C MET A 448 -3.68 19.12 -4.03
N GLN A 449 -4.87 18.59 -4.39
CA GLN A 449 -6.08 19.38 -4.35
C GLN A 449 -6.47 19.75 -2.93
N ASN A 450 -6.28 18.83 -1.98
CA ASN A 450 -6.62 19.09 -0.59
C ASN A 450 -5.66 20.09 0.04
N LYS A 451 -4.37 20.02 -0.31
CA LYS A 451 -3.43 21.00 0.23
C LYS A 451 -3.61 22.38 -0.41
N ILE A 452 -4.10 22.44 -1.66
CA ILE A 452 -4.41 23.76 -2.21
C ILE A 452 -5.73 24.30 -1.64
N GLU A 453 -6.70 23.43 -1.34
CA GLU A 453 -7.90 23.88 -0.64
C GLU A 453 -7.57 24.39 0.75
N PHE A 454 -6.64 23.73 1.45
CA PHE A 454 -6.23 24.15 2.78
C PHE A 454 -5.52 25.50 2.72
N LYS A 455 -4.55 25.64 1.81
CA LYS A 455 -3.80 26.89 1.69
C LYS A 455 -4.67 28.05 1.24
N LEU A 456 -5.68 27.81 0.39
CA LEU A 456 -6.52 28.92 -0.02
C LEU A 456 -7.54 29.23 1.07
N LYS A 457 -8.03 28.19 1.76
CA LYS A 457 -9.00 28.34 2.84
C LYS A 457 -8.43 29.14 4.00
N GLN A 458 -7.10 29.05 4.24
CA GLN A 458 -6.46 29.90 5.24
C GLN A 458 -6.52 31.39 4.93
N TYR A 459 -6.86 31.79 3.70
CA TYR A 459 -6.88 33.20 3.33
C TYR A 459 -8.28 33.68 3.00
N GLY A 460 -9.31 32.91 3.34
CA GLY A 460 -10.68 33.29 3.02
C GLY A 460 -11.02 33.15 1.55
N ILE A 461 -10.42 32.19 0.86
CA ILE A 461 -10.70 31.91 -0.53
C ILE A 461 -11.54 30.65 -0.62
N GLU A 462 -12.74 30.76 -1.18
CA GLU A 462 -13.66 29.65 -1.31
C GLU A 462 -13.23 28.72 -2.45
N ILE A 463 -13.51 27.42 -2.29
CA ILE A 463 -13.17 26.42 -3.29
C ILE A 463 -14.45 25.72 -3.73
N ARG A 464 -14.77 25.85 -5.02
CA ARG A 464 -15.96 25.25 -5.62
C ARG A 464 -15.52 24.04 -6.44
N LYS A 465 -15.95 22.85 -6.04
CA LYS A 465 -15.74 21.67 -6.87
C LYS A 465 -16.68 21.72 -8.07
N VAL A 466 -16.09 21.90 -9.25
CA VAL A 466 -16.80 22.17 -10.48
C VAL A 466 -16.74 20.94 -11.37
N ALA A 467 -17.91 20.53 -11.90
CA ALA A 467 -18.06 19.25 -12.61
C ALA A 467 -17.15 19.20 -13.84
N PRO A 468 -16.42 18.10 -14.04
CA PRO A 468 -15.30 18.09 -14.98
C PRO A 468 -15.65 17.74 -16.43
N ASN A 469 -16.94 17.63 -16.77
CA ASN A 469 -17.34 17.15 -18.08
C ASN A 469 -17.01 18.16 -19.17
N ASN A 470 -16.28 17.69 -20.20
CA ASN A 470 -15.94 18.45 -21.42
C ASN A 470 -15.18 19.74 -21.12
N THR A 471 -14.29 19.70 -20.13
CA THR A 471 -13.57 20.91 -19.73
C THR A 471 -12.31 21.15 -20.56
N SER A 472 -11.61 20.09 -20.96
CA SER A 472 -10.36 20.24 -21.70
C SER A 472 -10.59 20.57 -23.16
N LYS A 473 -11.79 20.28 -23.69
CA LYS A 473 -12.07 20.42 -25.11
C LYS A 473 -12.94 21.63 -25.44
N THR A 474 -13.68 22.17 -24.48
CA THR A 474 -14.43 23.39 -24.70
C THR A 474 -13.48 24.58 -24.79
N CYS A 475 -13.71 25.46 -25.77
CA CYS A 475 -12.87 26.63 -25.95
C CYS A 475 -13.17 27.69 -24.90
N SER A 476 -12.15 28.44 -24.54
CA SER A 476 -12.27 29.43 -23.48
C SER A 476 -12.69 30.81 -23.99
N LYS A 477 -12.52 31.07 -25.29
CA LYS A 477 -13.02 32.31 -25.87
C LYS A 477 -14.51 32.21 -26.20
N CYS A 478 -14.85 31.32 -27.13
CA CYS A 478 -16.24 31.06 -27.50
C CYS A 478 -16.53 29.58 -27.34
N GLY A 479 -17.40 29.24 -26.38
CA GLY A 479 -17.40 27.92 -25.78
C GLY A 479 -17.95 26.84 -26.69
N HIS A 480 -17.21 26.54 -27.77
CA HIS A 480 -17.76 25.86 -28.93
C HIS A 480 -18.02 24.37 -28.67
N LEU A 481 -17.36 23.80 -27.65
CA LEU A 481 -17.39 22.37 -27.31
C LEU A 481 -16.91 21.57 -28.53
N ASN A 482 -15.59 21.68 -28.75
CA ASN A 482 -14.89 20.89 -29.77
C ASN A 482 -14.92 19.41 -29.45
N ASN A 483 -15.87 18.68 -30.05
CA ASN A 483 -16.03 17.27 -29.76
C ASN A 483 -14.93 16.41 -30.36
N TYR A 484 -14.15 16.94 -31.32
CA TYR A 484 -13.06 16.16 -31.91
C TYR A 484 -11.90 15.98 -30.95
N PHE A 485 -11.82 16.81 -29.91
CA PHE A 485 -10.63 16.93 -29.06
C PHE A 485 -10.70 15.96 -27.89
N ASN A 486 -11.00 14.70 -28.20
CA ASN A 486 -11.18 13.65 -27.19
C ASN A 486 -9.84 13.25 -26.57
N PHE A 487 -9.89 12.31 -25.63
CA PHE A 487 -8.68 11.81 -25.02
C PHE A 487 -7.89 10.91 -25.96
N GLU A 488 -8.57 10.15 -26.83
CA GLU A 488 -7.86 9.33 -27.80
C GLU A 488 -7.19 10.17 -28.89
N TYR A 489 -7.75 11.35 -29.19
CA TYR A 489 -7.07 12.29 -30.07
C TYR A 489 -5.96 13.03 -29.35
N ARG A 490 -6.12 13.30 -28.05
CA ARG A 490 -5.03 13.91 -27.31
C ARG A 490 -3.88 12.92 -27.14
N LYS A 491 -4.20 11.63 -27.13
CA LYS A 491 -3.18 10.60 -27.09
C LYS A 491 -2.41 10.55 -28.41
N LYS A 492 -3.11 10.26 -29.52
CA LYS A 492 -2.41 9.95 -30.76
C LYS A 492 -1.76 11.17 -31.43
N ASN A 493 -2.16 12.40 -31.07
CA ASN A 493 -1.47 13.60 -31.52
C ASN A 493 -0.37 14.06 -30.58
N LYS A 494 0.04 13.21 -29.63
CA LYS A 494 1.19 13.40 -28.73
C LYS A 494 0.96 14.66 -27.87
N PHE A 495 -0.29 14.85 -27.46
CA PHE A 495 -0.81 15.90 -26.57
C PHE A 495 -0.50 17.32 -27.05
N PRO A 496 -1.16 17.78 -28.12
CA PRO A 496 -0.78 19.06 -28.74
C PRO A 496 -1.44 20.25 -28.05
N HIS A 497 -1.20 21.44 -28.59
CA HIS A 497 -1.91 22.65 -28.16
C HIS A 497 -3.41 22.54 -28.47
N PHE A 498 -4.17 23.49 -27.94
CA PHE A 498 -5.59 23.61 -28.27
C PHE A 498 -5.80 24.46 -29.50
N LYS A 499 -6.59 23.94 -30.44
CA LYS A 499 -6.99 24.64 -31.65
C LYS A 499 -8.50 24.59 -31.77
N CYS A 500 -9.15 25.76 -31.77
CA CYS A 500 -10.59 25.81 -31.95
C CYS A 500 -10.97 25.72 -33.43
N GLU A 501 -12.14 25.15 -33.70
CA GLU A 501 -12.57 24.93 -35.06
C GLU A 501 -13.25 26.14 -35.68
N LYS A 502 -13.76 27.07 -34.87
CA LYS A 502 -14.44 28.25 -35.37
C LYS A 502 -13.89 29.55 -34.84
N CYS A 503 -12.87 29.52 -33.99
CA CYS A 503 -12.20 30.73 -33.52
C CYS A 503 -10.78 30.89 -34.04
N ASN A 504 -10.15 29.80 -34.49
CA ASN A 504 -8.70 29.70 -34.71
C ASN A 504 -7.93 30.18 -33.48
N PHE A 505 -8.27 29.62 -32.33
CA PHE A 505 -7.73 30.05 -31.04
C PHE A 505 -6.61 29.11 -30.64
N LYS A 506 -5.49 29.67 -30.19
CA LYS A 506 -4.28 28.90 -29.93
C LYS A 506 -3.72 29.26 -28.55
N GLU A 507 -3.95 28.38 -27.58
CA GLU A 507 -3.29 28.41 -26.28
C GLU A 507 -3.05 26.97 -25.84
N ASN A 508 -2.43 26.82 -24.67
CA ASN A 508 -2.04 25.53 -24.14
C ASN A 508 -3.25 24.68 -23.82
N ALA A 509 -3.06 23.36 -23.80
CA ALA A 509 -4.15 22.45 -23.47
C ALA A 509 -4.45 22.43 -21.98
N ASP A 510 -3.46 22.79 -21.15
CA ASP A 510 -3.64 22.82 -19.71
C ASP A 510 -4.12 24.20 -19.25
N TYR A 511 -3.83 25.23 -20.03
CA TYR A 511 -4.30 26.58 -19.70
C TYR A 511 -5.74 26.79 -20.17
N ASN A 512 -6.10 26.22 -21.33
CA ASN A 512 -7.49 26.24 -21.77
C ASN A 512 -8.40 25.57 -20.75
N ALA A 513 -8.00 24.38 -20.25
CA ALA A 513 -8.81 23.74 -19.21
C ALA A 513 -8.70 24.44 -17.86
N ALA A 514 -7.67 25.27 -17.65
CA ALA A 514 -7.66 26.12 -16.46
C ALA A 514 -8.63 27.28 -16.61
N LEU A 515 -8.82 27.78 -17.82
CA LEU A 515 -9.66 28.94 -18.02
C LEU A 515 -11.11 28.52 -18.26
N ASN A 516 -11.34 27.24 -18.53
CA ASN A 516 -12.69 26.69 -18.50
C ASN A 516 -13.11 26.30 -17.09
N ILE A 517 -12.16 25.83 -16.26
CA ILE A 517 -12.47 25.56 -14.85
C ILE A 517 -12.81 26.86 -14.13
N SER A 518 -12.16 27.97 -14.50
CA SER A 518 -12.42 29.28 -13.92
C SER A 518 -13.78 29.88 -14.29
N ASN A 519 -14.57 29.26 -15.15
CA ASN A 519 -15.82 29.88 -15.57
C ASN A 519 -16.89 29.64 -14.51
N PRO A 520 -17.53 30.69 -13.99
CA PRO A 520 -18.53 30.51 -12.92
C PRO A 520 -19.85 29.91 -13.36
N LYS A 521 -20.08 29.73 -14.67
CA LYS A 521 -21.39 29.25 -15.12
C LYS A 521 -21.62 27.77 -14.86
N LEU A 522 -20.56 27.01 -14.57
CA LEU A 522 -20.68 25.56 -14.48
C LEU A 522 -21.30 25.16 -13.15
N LYS A 523 -22.10 24.11 -13.16
CA LYS A 523 -22.81 23.69 -11.96
C LYS A 523 -21.88 22.97 -11.01
N SER A 524 -21.85 23.43 -9.76
CA SER A 524 -20.99 22.85 -8.74
C SER A 524 -21.44 21.44 -8.36
N THR A 525 -20.49 20.60 -8.00
CA THR A 525 -20.79 19.25 -7.52
C THR A 525 -19.76 18.79 -6.51
N THR B 7 -3.07 -26.27 -1.16
CA THR B 7 -4.24 -26.64 -1.95
C THR B 7 -4.45 -25.66 -3.11
N LYS B 8 -4.96 -26.17 -4.22
CA LYS B 8 -5.15 -25.37 -5.44
C LYS B 8 -6.60 -24.90 -5.52
N THR B 9 -6.79 -23.60 -5.68
CA THR B 9 -8.12 -23.03 -5.89
C THR B 9 -8.18 -22.53 -7.33
N LEU B 10 -9.06 -23.12 -8.13
CA LEU B 10 -9.23 -22.72 -9.52
C LEU B 10 -10.53 -21.95 -9.73
N LYS B 11 -10.39 -20.68 -10.11
CA LYS B 11 -11.51 -19.75 -10.14
C LYS B 11 -12.09 -19.72 -11.56
N LEU B 12 -13.41 -19.88 -11.67
CA LEU B 12 -14.11 -19.89 -12.95
C LEU B 12 -15.10 -18.73 -12.97
N ARG B 13 -15.53 -18.33 -14.17
CA ARG B 13 -16.66 -17.41 -14.20
C ARG B 13 -17.98 -18.18 -14.14
N ILE B 14 -19.07 -17.45 -13.91
CA ILE B 14 -20.42 -17.91 -14.19
C ILE B 14 -21.07 -16.93 -15.15
N VAL B 15 -21.42 -17.40 -16.33
CA VAL B 15 -22.08 -16.52 -17.30
C VAL B 15 -23.60 -16.57 -17.18
N ARG B 16 -24.18 -17.75 -16.92
CA ARG B 16 -25.61 -17.92 -16.77
C ARG B 16 -25.89 -19.22 -16.06
N PRO B 17 -27.04 -19.36 -15.41
CA PRO B 17 -27.45 -20.66 -14.88
C PRO B 17 -27.92 -21.61 -15.97
N TYR B 18 -27.89 -22.90 -15.65
CA TYR B 18 -28.30 -23.97 -16.55
C TYR B 18 -29.63 -24.52 -16.07
N ASN B 19 -30.69 -24.30 -16.85
CA ASN B 19 -32.04 -24.50 -16.35
C ASN B 19 -32.40 -25.99 -16.39
N SER B 20 -32.51 -26.55 -17.58
CA SER B 20 -32.74 -27.96 -17.87
C SER B 20 -32.50 -28.14 -19.37
N ALA B 21 -32.92 -29.28 -19.92
CA ALA B 21 -32.81 -29.47 -21.36
C ALA B 21 -33.83 -28.62 -22.11
N GLU B 22 -35.10 -28.68 -21.68
CA GLU B 22 -36.19 -28.10 -22.45
C GLU B 22 -36.16 -26.58 -22.40
N VAL B 23 -35.89 -25.99 -21.22
CA VAL B 23 -35.89 -24.54 -21.10
C VAL B 23 -34.70 -23.94 -21.84
N GLU B 24 -33.53 -24.59 -21.76
CA GLU B 24 -32.36 -24.08 -22.48
C GLU B 24 -32.53 -24.26 -23.98
N LYS B 25 -33.25 -25.31 -24.40
CA LYS B 25 -33.64 -25.45 -25.79
C LYS B 25 -34.52 -24.29 -26.24
N ILE B 26 -35.50 -23.91 -25.42
CA ILE B 26 -36.39 -22.78 -25.76
C ILE B 26 -35.60 -21.47 -25.83
N VAL B 27 -34.62 -21.29 -24.93
CA VAL B 27 -33.81 -20.07 -24.94
C VAL B 27 -32.91 -20.01 -26.17
N ALA B 28 -32.25 -21.13 -26.52
CA ALA B 28 -31.39 -21.16 -27.70
C ALA B 28 -32.18 -20.99 -28.99
N ASP B 29 -33.38 -21.57 -29.05
CA ASP B 29 -34.26 -21.36 -30.18
C ASP B 29 -34.76 -19.92 -30.24
N GLU B 30 -34.88 -19.26 -29.10
CA GLU B 30 -35.29 -17.86 -29.10
C GLU B 30 -34.17 -16.95 -29.59
N LYS B 31 -32.92 -17.27 -29.26
CA LYS B 31 -31.80 -16.49 -29.81
C LYS B 31 -31.64 -16.73 -31.30
N ASN B 32 -31.81 -17.98 -31.76
CA ASN B 32 -31.76 -18.26 -33.19
C ASN B 32 -32.93 -17.61 -33.93
N ASN B 33 -34.10 -17.55 -33.31
CA ASN B 33 -35.27 -16.95 -33.97
C ASN B 33 -35.14 -15.43 -34.01
N ARG B 34 -34.57 -14.82 -32.97
CA ARG B 34 -34.29 -13.39 -33.00
C ARG B 34 -33.21 -13.05 -34.01
N GLU B 35 -32.20 -13.92 -34.15
CA GLU B 35 -31.18 -13.73 -35.19
C GLU B 35 -31.79 -13.84 -36.58
N LYS B 36 -32.71 -14.80 -36.79
CA LYS B 36 -33.37 -14.96 -38.08
C LYS B 36 -34.27 -13.76 -38.40
N ILE B 37 -34.99 -13.26 -37.41
CA ILE B 37 -35.87 -12.11 -37.63
C ILE B 37 -35.06 -10.84 -37.88
N ALA B 38 -33.94 -10.67 -37.15
CA ALA B 38 -33.04 -9.55 -37.43
C ALA B 38 -32.31 -9.69 -38.76
N LEU B 39 -32.18 -10.92 -39.28
CA LEU B 39 -31.71 -11.11 -40.65
C LEU B 39 -32.76 -10.69 -41.66
N GLU B 40 -33.99 -11.18 -41.51
CA GLU B 40 -34.99 -10.99 -42.56
C GLU B 40 -35.64 -9.61 -42.54
N LYS B 41 -35.47 -8.83 -41.47
CA LYS B 41 -35.89 -7.44 -41.49
C LYS B 41 -34.84 -6.50 -42.07
N ASN B 42 -33.61 -6.97 -42.22
CA ASN B 42 -32.48 -6.17 -42.69
C ASN B 42 -31.89 -6.85 -43.93
N LYS B 43 -32.40 -6.48 -45.10
CA LYS B 43 -31.78 -6.83 -46.38
C LYS B 43 -30.75 -5.76 -46.73
N ASP B 44 -29.58 -5.90 -46.09
CA ASP B 44 -28.40 -5.03 -46.26
C ASP B 44 -28.71 -3.56 -45.95
N LYS B 45 -29.48 -3.34 -44.87
CA LYS B 45 -29.70 -1.98 -44.41
C LYS B 45 -28.42 -1.37 -43.83
N VAL B 46 -27.81 -2.07 -42.87
CA VAL B 46 -26.54 -1.68 -42.29
C VAL B 46 -25.55 -2.78 -42.69
N LYS B 47 -24.25 -2.50 -42.55
CA LYS B 47 -23.18 -3.30 -43.14
C LYS B 47 -22.15 -3.71 -42.08
N GLU B 48 -22.62 -4.27 -40.97
CA GLU B 48 -21.71 -4.69 -39.92
C GLU B 48 -21.13 -6.08 -40.15
N ALA B 49 -22.00 -7.07 -40.37
CA ALA B 49 -21.79 -8.41 -40.92
C ALA B 49 -21.20 -9.40 -39.91
N CYS B 50 -20.82 -8.91 -38.72
CA CYS B 50 -20.21 -9.75 -37.64
C CYS B 50 -18.77 -10.15 -38.00
N SER B 51 -18.04 -10.69 -37.01
CA SER B 51 -16.64 -11.11 -37.24
C SER B 51 -16.57 -12.25 -38.25
N LYS B 52 -17.49 -13.21 -38.19
CA LYS B 52 -17.41 -14.41 -39.08
C LYS B 52 -18.80 -14.82 -39.58
N HIS B 53 -19.87 -14.22 -39.04
CA HIS B 53 -21.21 -14.54 -39.53
C HIS B 53 -21.39 -14.10 -40.98
N LEU B 54 -20.39 -13.41 -41.55
CA LEU B 54 -20.40 -13.07 -42.97
C LEU B 54 -20.33 -14.33 -43.84
N LYS B 55 -19.62 -15.36 -43.38
CA LYS B 55 -19.49 -16.58 -44.18
C LYS B 55 -20.76 -17.41 -44.10
N VAL B 56 -21.39 -17.48 -42.93
CA VAL B 56 -22.51 -18.40 -42.71
C VAL B 56 -23.78 -17.87 -43.36
N ALA B 57 -24.29 -16.74 -42.87
CA ALA B 57 -25.48 -16.11 -43.47
C ALA B 57 -25.42 -14.60 -43.24
N ALA B 58 -24.86 -13.89 -44.22
CA ALA B 58 -24.89 -12.42 -44.26
C ALA B 58 -24.56 -11.98 -45.68
N TYR B 59 -25.20 -10.89 -46.10
CA TYR B 59 -24.81 -10.14 -47.30
C TYR B 59 -24.51 -8.70 -46.89
N CYS B 60 -23.29 -8.45 -46.44
CA CYS B 60 -22.87 -7.10 -46.07
C CYS B 60 -21.39 -6.94 -46.38
N THR B 61 -20.96 -5.69 -46.49
CA THR B 61 -19.67 -5.38 -47.14
C THR B 61 -18.48 -5.49 -46.21
N THR B 62 -18.41 -4.61 -45.20
CA THR B 62 -17.23 -4.54 -44.36
C THR B 62 -17.40 -5.36 -43.07
N GLN B 63 -16.31 -5.45 -42.32
CA GLN B 63 -16.23 -6.24 -41.10
C GLN B 63 -16.39 -5.34 -39.87
N VAL B 64 -16.93 -5.91 -38.79
CA VAL B 64 -16.86 -5.30 -37.47
C VAL B 64 -16.26 -6.30 -36.50
N GLU B 65 -15.97 -5.82 -35.28
CA GLU B 65 -15.23 -6.59 -34.29
C GLU B 65 -16.10 -7.57 -33.50
N ARG B 66 -17.32 -7.84 -33.99
CA ARG B 66 -18.47 -8.56 -33.46
C ARG B 66 -19.21 -7.74 -32.39
N ASN B 67 -18.63 -6.65 -31.87
CA ASN B 67 -19.21 -5.96 -30.73
C ASN B 67 -20.03 -4.73 -31.11
N ALA B 68 -19.71 -4.08 -32.22
CA ALA B 68 -20.50 -2.98 -32.76
C ALA B 68 -21.50 -3.42 -33.81
N CYS B 69 -21.91 -4.69 -33.79
CA CYS B 69 -22.82 -5.20 -34.81
C CYS B 69 -24.28 -4.95 -34.44
N LEU B 70 -25.16 -5.23 -35.42
CA LEU B 70 -26.60 -5.08 -35.26
C LEU B 70 -27.26 -6.36 -34.75
N PHE B 71 -26.69 -7.53 -35.08
CA PHE B 71 -27.34 -8.79 -34.77
C PHE B 71 -27.22 -9.14 -33.29
N CYS B 72 -26.09 -8.80 -32.67
CA CYS B 72 -25.82 -9.22 -31.29
C CYS B 72 -26.70 -8.48 -30.28
N LYS B 73 -26.95 -7.19 -30.51
CA LYS B 73 -27.83 -6.42 -29.62
C LYS B 73 -29.29 -6.80 -29.74
N ALA B 74 -29.68 -7.50 -30.81
CA ALA B 74 -30.96 -8.20 -30.83
C ALA B 74 -30.85 -9.62 -30.27
N ARG B 75 -29.70 -10.25 -30.44
CA ARG B 75 -29.43 -11.55 -29.84
C ARG B 75 -29.26 -11.46 -28.33
N LYS B 76 -28.88 -10.29 -27.81
CA LYS B 76 -28.98 -10.06 -26.38
C LYS B 76 -30.44 -9.95 -26.00
N LEU B 77 -30.91 -10.85 -25.15
CA LEU B 77 -32.32 -11.00 -24.87
C LEU B 77 -32.86 -9.85 -24.01
N ASP B 78 -34.17 -9.82 -23.83
CA ASP B 78 -34.83 -8.80 -23.04
C ASP B 78 -35.28 -9.37 -21.69
N ASP B 79 -35.35 -8.49 -20.69
CA ASP B 79 -35.73 -8.87 -19.33
C ASP B 79 -37.14 -9.49 -19.30
N LYS B 80 -38.09 -8.90 -20.05
CA LYS B 80 -39.48 -9.32 -19.97
C LYS B 80 -39.71 -10.72 -20.53
N PHE B 81 -38.86 -11.15 -21.47
CA PHE B 81 -38.93 -12.53 -21.96
C PHE B 81 -38.59 -13.51 -20.84
N TYR B 82 -37.52 -13.21 -20.10
CA TYR B 82 -37.15 -14.04 -18.95
C TYR B 82 -38.20 -13.96 -17.86
N GLN B 83 -38.90 -12.82 -17.73
CA GLN B 83 -39.97 -12.73 -16.73
C GLN B 83 -41.17 -13.59 -17.11
N LYS B 84 -41.54 -13.60 -18.40
CA LYS B 84 -42.66 -14.47 -18.80
C LYS B 84 -42.24 -15.93 -18.82
N LEU B 85 -40.95 -16.23 -19.03
CA LEU B 85 -40.47 -17.60 -18.86
C LEU B 85 -40.54 -18.03 -17.40
N ARG B 86 -40.18 -17.12 -16.48
CA ARG B 86 -40.26 -17.42 -15.05
C ARG B 86 -41.70 -17.57 -14.59
N GLY B 87 -42.64 -16.90 -15.27
CA GLY B 87 -44.04 -17.19 -15.04
C GLY B 87 -44.46 -18.53 -15.63
N GLN B 88 -43.96 -18.86 -16.82
CA GLN B 88 -44.39 -20.08 -17.49
C GLN B 88 -43.69 -21.31 -16.92
N PHE B 89 -42.40 -21.21 -16.66
CA PHE B 89 -41.64 -22.26 -16.00
C PHE B 89 -41.32 -21.87 -14.57
N PRO B 90 -41.80 -22.62 -13.57
CA PRO B 90 -41.56 -22.21 -12.17
C PRO B 90 -40.19 -22.62 -11.66
N ASP B 91 -39.54 -23.61 -12.26
CA ASP B 91 -38.28 -24.15 -11.76
C ASP B 91 -37.06 -23.59 -12.49
N ALA B 92 -37.26 -22.77 -13.53
CA ALA B 92 -36.12 -22.25 -14.28
C ALA B 92 -35.53 -21.06 -13.55
N VAL B 93 -34.22 -21.08 -13.35
CA VAL B 93 -33.51 -20.06 -12.58
C VAL B 93 -32.70 -19.19 -13.52
N PHE B 94 -32.78 -17.87 -13.33
CA PHE B 94 -32.05 -16.96 -14.21
C PHE B 94 -31.21 -16.00 -13.38
N TRP B 95 -30.50 -15.11 -14.08
CA TRP B 95 -29.35 -14.41 -13.50
C TRP B 95 -29.75 -13.21 -12.65
N GLN B 96 -30.98 -12.69 -12.80
CA GLN B 96 -31.49 -11.69 -11.87
C GLN B 96 -31.88 -12.30 -10.53
N GLU B 97 -32.65 -13.39 -10.57
CA GLU B 97 -33.11 -14.03 -9.35
C GLU B 97 -31.94 -14.65 -8.60
N ILE B 98 -31.03 -15.31 -9.32
CA ILE B 98 -29.92 -15.95 -8.66
C ILE B 98 -28.84 -14.93 -8.28
N SER B 99 -28.80 -13.76 -8.95
CA SER B 99 -27.96 -12.68 -8.44
C SER B 99 -28.48 -12.13 -7.12
N GLU B 100 -29.82 -12.05 -6.97
CA GLU B 100 -30.39 -11.68 -5.68
C GLU B 100 -30.09 -12.71 -4.60
N ILE B 101 -30.20 -14.00 -4.94
CA ILE B 101 -29.94 -15.05 -3.98
C ILE B 101 -28.46 -15.08 -3.59
N PHE B 102 -27.56 -14.81 -4.54
CA PHE B 102 -26.14 -14.80 -4.23
C PHE B 102 -25.76 -13.58 -3.37
N ARG B 103 -26.35 -12.42 -3.66
CA ARG B 103 -26.07 -11.23 -2.85
C ARG B 103 -26.61 -11.37 -1.44
N GLN B 104 -27.83 -11.91 -1.30
CA GLN B 104 -28.42 -12.09 0.02
C GLN B 104 -27.70 -13.18 0.83
N LEU B 105 -27.20 -14.23 0.17
CA LEU B 105 -26.44 -15.25 0.88
C LEU B 105 -25.06 -14.74 1.27
N GLN B 106 -24.48 -13.86 0.43
CA GLN B 106 -23.20 -13.25 0.75
C GLN B 106 -23.31 -12.34 1.95
N LYS B 107 -24.36 -11.50 1.98
CA LYS B 107 -24.56 -10.59 3.10
C LYS B 107 -24.91 -11.35 4.38
N GLN B 108 -25.68 -12.43 4.27
CA GLN B 108 -26.02 -13.23 5.45
C GLN B 108 -24.81 -13.96 6.01
N ALA B 109 -23.98 -14.56 5.14
CA ALA B 109 -22.83 -15.30 5.65
C ALA B 109 -21.77 -14.34 6.17
N ALA B 110 -21.61 -13.16 5.56
CA ALA B 110 -20.69 -12.18 6.10
C ALA B 110 -21.16 -11.65 7.46
N GLU B 111 -22.47 -11.47 7.63
CA GLU B 111 -23.01 -11.05 8.93
C GLU B 111 -22.78 -12.11 10.00
N ILE B 112 -23.02 -13.39 9.67
CA ILE B 112 -22.81 -14.47 10.63
C ILE B 112 -21.33 -14.61 10.98
N TYR B 113 -20.46 -14.39 9.99
CA TYR B 113 -19.02 -14.51 10.20
C TYR B 113 -18.49 -13.39 11.08
N ASN B 114 -18.84 -12.13 10.72
CA ASN B 114 -18.43 -10.96 11.51
C ASN B 114 -18.92 -11.06 12.95
N GLN B 115 -20.23 -11.32 13.15
CA GLN B 115 -20.75 -11.37 14.50
C GLN B 115 -20.25 -12.57 15.28
N SER B 116 -19.88 -13.66 14.60
CA SER B 116 -19.35 -14.80 15.33
C SER B 116 -17.92 -14.57 15.78
N LEU B 117 -17.13 -13.85 14.97
CA LEU B 117 -15.78 -13.46 15.41
C LEU B 117 -15.83 -12.49 16.58
N ILE B 118 -16.70 -11.48 16.50
CA ILE B 118 -16.78 -10.48 17.57
C ILE B 118 -17.34 -11.09 18.86
N GLU B 119 -18.32 -12.01 18.75
CA GLU B 119 -18.83 -12.65 19.95
C GLU B 119 -17.85 -13.66 20.53
N LEU B 120 -17.04 -14.31 19.68
CA LEU B 120 -15.90 -15.09 20.15
C LEU B 120 -14.93 -14.23 20.96
N TYR B 121 -14.56 -13.07 20.40
CA TYR B 121 -13.61 -12.19 21.08
C TYR B 121 -14.19 -11.69 22.40
N TYR B 122 -15.49 -11.38 22.42
CA TYR B 122 -16.17 -10.94 23.63
C TYR B 122 -16.16 -12.03 24.71
N GLU B 123 -16.65 -13.22 24.36
CA GLU B 123 -16.76 -14.30 25.33
C GLU B 123 -15.40 -14.81 25.81
N ILE B 124 -14.37 -14.71 24.97
CA ILE B 124 -13.06 -15.26 25.31
C ILE B 124 -12.17 -14.23 26.01
N PHE B 125 -12.07 -13.01 25.48
CA PHE B 125 -11.07 -12.06 25.94
C PHE B 125 -11.57 -10.91 26.77
N ILE B 126 -12.89 -10.68 26.83
CA ILE B 126 -13.44 -9.54 27.56
C ILE B 126 -14.28 -9.99 28.75
N LYS B 127 -15.38 -10.72 28.50
CA LYS B 127 -16.14 -11.26 29.60
C LYS B 127 -15.51 -12.51 30.21
N GLY B 128 -14.58 -13.16 29.49
CA GLY B 128 -13.94 -14.36 29.96
C GLY B 128 -12.50 -14.20 30.40
N LYS B 129 -12.01 -12.96 30.59
CA LYS B 129 -10.70 -12.55 31.14
C LYS B 129 -9.53 -13.34 30.57
N GLY B 130 -9.61 -13.67 29.29
CA GLY B 130 -8.49 -14.19 28.52
C GLY B 130 -8.10 -15.63 28.80
N ILE B 131 -8.87 -16.36 29.61
CA ILE B 131 -8.61 -17.76 29.87
C ILE B 131 -9.61 -18.60 29.08
N ALA B 132 -9.16 -19.13 27.94
CA ALA B 132 -10.02 -19.91 27.06
C ALA B 132 -9.17 -20.73 26.11
N ASN B 133 -9.30 -22.05 26.17
CA ASN B 133 -8.63 -22.94 25.23
C ASN B 133 -9.41 -23.02 23.92
N ALA B 134 -8.94 -23.86 23.00
CA ALA B 134 -9.66 -24.09 21.76
C ALA B 134 -10.89 -24.98 21.94
N SER B 135 -11.02 -25.67 23.08
CA SER B 135 -12.24 -26.40 23.37
C SER B 135 -13.42 -25.45 23.58
N SER B 136 -13.17 -24.26 24.13
CA SER B 136 -14.22 -23.28 24.29
C SER B 136 -14.61 -22.66 22.95
N VAL B 137 -13.66 -22.57 22.02
CA VAL B 137 -13.97 -22.13 20.65
C VAL B 137 -14.83 -23.17 19.95
N GLU B 138 -14.47 -24.46 20.08
CA GLU B 138 -15.25 -25.51 19.44
C GLU B 138 -16.63 -25.65 20.07
N HIS B 139 -16.73 -25.41 21.38
CA HIS B 139 -18.03 -25.40 22.05
C HIS B 139 -18.90 -24.25 21.57
N TYR B 140 -18.33 -23.04 21.46
CA TYR B 140 -19.09 -21.90 20.95
C TYR B 140 -19.56 -22.15 19.53
N LEU B 141 -18.69 -22.67 18.67
CA LEU B 141 -19.04 -22.91 17.27
C LEU B 141 -20.16 -23.92 17.16
N SER B 142 -19.94 -25.14 17.68
CA SER B 142 -20.91 -26.21 17.53
C SER B 142 -22.18 -26.00 18.34
N ASP B 143 -22.19 -25.09 19.32
CA ASP B 143 -23.41 -24.87 20.10
C ASP B 143 -24.17 -23.63 19.68
N VAL B 144 -23.52 -22.65 19.04
CA VAL B 144 -24.14 -21.36 18.73
C VAL B 144 -24.09 -21.07 17.23
N CYS B 145 -22.89 -21.11 16.64
CA CYS B 145 -22.74 -20.56 15.30
C CYS B 145 -23.16 -21.54 14.23
N TYR B 146 -22.80 -22.82 14.40
CA TYR B 146 -23.27 -23.85 13.47
C TYR B 146 -24.77 -24.01 13.55
N THR B 147 -25.35 -23.87 14.75
CA THR B 147 -26.80 -23.97 14.87
C THR B 147 -27.50 -22.76 14.26
N ARG B 148 -26.92 -21.57 14.41
CA ARG B 148 -27.48 -20.36 13.80
C ARG B 148 -27.41 -20.43 12.28
N ALA B 149 -26.30 -20.91 11.74
CA ALA B 149 -26.17 -20.99 10.30
C ALA B 149 -26.94 -22.17 9.73
N ALA B 150 -27.25 -23.18 10.55
CA ALA B 150 -28.07 -24.29 10.12
C ALA B 150 -29.56 -24.04 10.30
N GLU B 151 -29.95 -22.97 11.02
CA GLU B 151 -31.37 -22.62 11.07
C GLU B 151 -31.72 -21.36 10.31
N LEU B 152 -30.74 -20.58 9.84
CA LEU B 152 -31.11 -19.42 9.03
C LEU B 152 -31.33 -19.84 7.58
N PHE B 153 -30.27 -20.26 6.90
CA PHE B 153 -30.36 -21.02 5.66
C PHE B 153 -30.11 -22.50 5.97
N LYS B 154 -31.08 -23.35 5.64
CA LYS B 154 -31.09 -24.69 6.23
C LYS B 154 -30.13 -25.66 5.55
N ASN B 155 -29.29 -25.20 4.62
CA ASN B 155 -28.30 -26.08 4.02
C ASN B 155 -27.22 -26.39 5.06
N ALA B 156 -26.85 -27.66 5.18
CA ALA B 156 -25.71 -28.01 6.02
C ALA B 156 -24.37 -27.76 5.32
N ALA B 157 -24.38 -27.54 4.01
CA ALA B 157 -23.15 -27.19 3.29
C ALA B 157 -22.66 -25.79 3.65
N ILE B 158 -23.56 -24.80 3.62
CA ILE B 158 -23.15 -23.45 3.94
C ILE B 158 -22.91 -23.30 5.44
N ALA B 159 -23.62 -24.07 6.26
CA ALA B 159 -23.43 -23.99 7.71
C ALA B 159 -22.09 -24.61 8.12
N SER B 160 -21.79 -25.81 7.62
CA SER B 160 -20.52 -26.43 7.94
C SER B 160 -19.36 -25.84 7.14
N GLY B 161 -19.62 -24.99 6.14
CA GLY B 161 -18.54 -24.24 5.54
C GLY B 161 -18.25 -22.94 6.26
N LEU B 162 -19.30 -22.31 6.81
CA LEU B 162 -19.09 -21.11 7.61
C LEU B 162 -18.43 -21.43 8.94
N ARG B 163 -18.84 -22.55 9.56
CA ARG B 163 -18.21 -22.97 10.81
C ARG B 163 -16.74 -23.30 10.63
N SER B 164 -16.37 -23.86 9.47
CA SER B 164 -14.98 -24.17 9.20
C SER B 164 -14.19 -22.91 8.83
N LYS B 165 -14.80 -21.97 8.11
CA LYS B 165 -14.11 -20.72 7.80
C LYS B 165 -13.90 -19.86 9.04
N ILE B 166 -14.81 -19.94 10.02
CA ILE B 166 -14.59 -19.20 11.25
C ILE B 166 -13.59 -19.92 12.15
N LYS B 167 -13.63 -21.26 12.17
CA LYS B 167 -12.66 -22.02 12.97
C LYS B 167 -11.24 -21.83 12.46
N SER B 168 -11.06 -21.79 11.13
CA SER B 168 -9.74 -21.54 10.56
C SER B 168 -9.35 -20.07 10.57
N ASN B 169 -10.31 -19.14 10.61
CA ASN B 169 -9.98 -17.72 10.50
C ASN B 169 -10.00 -17.04 11.87
N PHE B 170 -10.35 -17.75 12.93
CA PHE B 170 -10.22 -17.22 14.30
C PHE B 170 -8.97 -17.85 14.91
N ARG B 171 -7.90 -17.06 14.95
CA ARG B 171 -6.57 -17.51 15.34
C ARG B 171 -6.36 -17.17 16.81
N LEU B 172 -6.62 -18.16 17.68
CA LEU B 172 -6.66 -17.91 19.12
C LEU B 172 -5.27 -17.62 19.68
N LYS B 173 -4.26 -18.33 19.17
CA LYS B 173 -2.89 -18.16 19.63
C LYS B 173 -2.30 -16.83 19.20
N GLU B 174 -2.75 -16.27 18.08
CA GLU B 174 -2.27 -14.97 17.63
C GLU B 174 -3.12 -13.81 18.17
N LEU B 175 -4.30 -14.11 18.70
CA LEU B 175 -5.18 -13.09 19.25
C LEU B 175 -5.00 -12.94 20.76
N LYS B 176 -4.54 -14.00 21.43
CA LYS B 176 -4.33 -13.92 22.87
C LYS B 176 -3.18 -12.98 23.21
N ASN B 177 -2.10 -13.03 22.42
CA ASN B 177 -0.95 -12.17 22.65
C ASN B 177 -1.00 -10.86 21.87
N MET B 178 -2.07 -10.59 21.12
CA MET B 178 -2.33 -9.29 20.46
C MET B 178 -1.22 -8.91 19.47
N LYS B 179 -0.69 -9.92 18.77
CA LYS B 179 0.07 -9.65 17.56
C LYS B 179 -0.81 -9.17 16.41
N SER B 180 -2.07 -9.61 16.38
CA SER B 180 -2.98 -9.20 15.31
C SER B 180 -4.37 -8.95 15.89
N GLY B 181 -5.25 -8.44 15.03
CA GLY B 181 -6.63 -8.21 15.38
C GLY B 181 -7.57 -9.00 14.50
N LEU B 182 -8.87 -8.71 14.56
CA LEU B 182 -9.83 -9.57 13.88
C LEU B 182 -9.96 -9.19 12.42
N PRO B 183 -9.88 -10.16 11.50
CA PRO B 183 -10.08 -9.89 10.07
C PRO B 183 -11.55 -9.92 9.68
N THR B 184 -12.18 -8.76 9.49
CA THR B 184 -13.59 -8.67 9.19
C THR B 184 -13.75 -8.09 7.79
N THR B 185 -14.73 -8.63 7.06
CA THR B 185 -14.85 -8.44 5.62
C THR B 185 -15.94 -7.43 5.26
N LYS B 186 -16.30 -7.41 3.98
CA LYS B 186 -16.98 -6.31 3.34
C LYS B 186 -18.26 -6.77 2.63
N SER B 187 -18.61 -8.06 2.73
CA SER B 187 -19.81 -8.69 2.18
C SER B 187 -19.96 -8.55 0.67
N ASP B 188 -18.94 -8.08 -0.04
CA ASP B 188 -18.75 -8.35 -1.45
C ASP B 188 -17.51 -9.16 -1.74
N ASN B 189 -16.49 -9.07 -0.88
CA ASN B 189 -15.33 -9.95 -0.92
C ASN B 189 -15.52 -11.24 -0.11
N PHE B 190 -16.75 -11.53 0.34
CA PHE B 190 -16.89 -12.75 1.13
C PHE B 190 -17.31 -13.91 0.23
N PRO B 191 -16.64 -15.06 0.32
CA PRO B 191 -17.09 -16.24 -0.43
C PRO B 191 -18.04 -17.17 0.32
N ILE B 192 -18.98 -17.74 -0.42
CA ILE B 192 -20.02 -18.60 0.15
C ILE B 192 -19.48 -20.03 0.15
N PRO B 193 -19.14 -20.61 1.32
CA PRO B 193 -18.13 -21.67 1.37
C PRO B 193 -18.51 -23.02 0.74
N LEU B 194 -19.63 -23.62 1.18
CA LEU B 194 -20.20 -24.85 0.60
C LEU B 194 -19.22 -26.03 0.67
N VAL B 195 -19.00 -26.50 1.90
CA VAL B 195 -18.29 -27.75 2.13
C VAL B 195 -19.22 -28.93 1.84
N LYS B 196 -18.73 -29.87 1.03
CA LYS B 196 -19.16 -31.26 1.09
C LYS B 196 -17.93 -32.16 1.16
N GLN B 197 -18.18 -33.44 1.45
CA GLN B 197 -17.11 -34.41 1.68
C GLN B 197 -16.30 -34.64 0.40
N LYS B 198 -15.04 -35.04 0.58
CA LYS B 198 -14.19 -35.52 -0.51
C LYS B 198 -14.06 -37.04 -0.53
N GLY B 199 -14.09 -37.69 0.63
CA GLY B 199 -13.59 -39.04 0.76
C GLY B 199 -14.48 -40.14 0.22
N GLY B 200 -14.04 -40.75 -0.88
CA GLY B 200 -14.52 -42.06 -1.29
C GLY B 200 -15.91 -42.12 -1.90
N GLN B 201 -16.95 -41.98 -1.07
CA GLN B 201 -18.31 -42.10 -1.58
C GLN B 201 -18.76 -40.83 -2.31
N TYR B 202 -18.56 -39.67 -1.69
CA TYR B 202 -18.97 -38.41 -2.31
C TYR B 202 -17.92 -37.97 -3.32
N THR B 203 -18.28 -38.01 -4.61
CA THR B 203 -17.38 -37.50 -5.64
C THR B 203 -17.25 -35.98 -5.57
N GLY B 204 -18.30 -35.29 -5.13
CA GLY B 204 -18.29 -33.86 -4.95
C GLY B 204 -18.95 -33.07 -6.06
N PHE B 205 -20.22 -32.75 -5.85
CA PHE B 205 -21.01 -31.73 -6.55
C PHE B 205 -21.38 -32.06 -8.01
N GLU B 206 -20.87 -33.18 -8.54
CA GLU B 206 -21.30 -33.78 -9.81
C GLU B 206 -21.15 -32.81 -10.99
N ILE B 207 -19.90 -32.53 -11.31
CA ILE B 207 -19.55 -31.58 -12.38
C ILE B 207 -19.48 -32.31 -13.72
N SER B 208 -20.08 -31.71 -14.74
CA SER B 208 -20.14 -32.26 -16.09
C SER B 208 -19.58 -31.23 -17.08
N ASN B 209 -19.76 -31.52 -18.37
CA ASN B 209 -19.08 -30.80 -19.44
C ASN B 209 -20.06 -30.25 -20.45
N HIS B 210 -19.56 -29.37 -21.32
CA HIS B 210 -20.35 -28.74 -22.36
C HIS B 210 -19.37 -28.45 -23.51
N ASN B 211 -19.79 -27.66 -24.50
CA ASN B 211 -18.88 -27.19 -25.55
C ASN B 211 -18.00 -26.07 -25.03
N SER B 212 -16.81 -26.47 -24.56
CA SER B 212 -15.80 -25.60 -23.92
C SER B 212 -16.36 -24.85 -22.70
N ASP B 213 -17.29 -25.49 -22.00
CA ASP B 213 -17.89 -24.95 -20.78
C ASP B 213 -18.16 -26.12 -19.85
N PHE B 214 -18.62 -25.82 -18.64
CA PHE B 214 -18.81 -26.85 -17.63
C PHE B 214 -20.13 -26.63 -16.91
N ILE B 215 -20.64 -27.68 -16.29
CA ILE B 215 -21.92 -27.62 -15.58
C ILE B 215 -21.70 -28.11 -14.16
N ILE B 216 -21.97 -27.25 -13.18
CA ILE B 216 -21.82 -27.62 -11.78
C ILE B 216 -23.21 -27.71 -11.14
N LYS B 217 -23.49 -28.84 -10.48
CA LYS B 217 -24.81 -29.08 -9.92
C LYS B 217 -24.73 -29.06 -8.39
N ILE B 218 -24.82 -27.86 -7.82
CA ILE B 218 -24.81 -27.70 -6.36
C ILE B 218 -26.20 -28.07 -5.86
N PRO B 219 -26.40 -29.03 -4.95
CA PRO B 219 -27.73 -29.15 -4.34
C PRO B 219 -27.99 -27.93 -3.47
N PHE B 220 -29.26 -27.55 -3.39
CA PHE B 220 -29.58 -26.28 -2.74
C PHE B 220 -31.04 -26.42 -2.31
N GLY B 221 -31.75 -25.31 -2.09
CA GLY B 221 -33.16 -25.39 -1.73
C GLY B 221 -34.17 -24.74 -2.66
N ARG B 222 -35.35 -24.36 -2.15
CA ARG B 222 -36.47 -23.91 -2.96
C ARG B 222 -36.65 -22.40 -2.99
N TRP B 223 -36.28 -21.71 -1.92
CA TRP B 223 -36.35 -20.25 -1.74
C TRP B 223 -37.75 -19.71 -2.03
N GLN B 224 -38.69 -20.04 -1.14
CA GLN B 224 -39.94 -19.31 -1.18
C GLN B 224 -39.70 -17.87 -0.74
N VAL B 225 -40.33 -16.94 -1.45
CA VAL B 225 -40.26 -15.53 -1.10
C VAL B 225 -40.98 -15.27 0.23
N LYS B 226 -40.47 -14.30 0.99
CA LYS B 226 -41.03 -13.98 2.29
C LYS B 226 -42.43 -13.40 2.10
N LYS B 227 -43.35 -13.78 2.99
CA LYS B 227 -44.71 -13.26 2.88
C LYS B 227 -44.77 -11.77 3.21
N GLU B 228 -43.91 -11.30 4.12
CA GLU B 228 -43.78 -9.88 4.43
C GLU B 228 -42.30 -9.56 4.57
N ILE B 229 -41.78 -8.71 3.68
CA ILE B 229 -40.39 -8.29 3.77
C ILE B 229 -40.20 -7.43 5.02
N ASP B 230 -39.16 -7.72 5.79
CA ASP B 230 -38.87 -6.94 6.98
C ASP B 230 -38.31 -5.58 6.60
N LYS B 231 -38.97 -4.51 7.05
CA LYS B 231 -38.65 -3.14 6.59
C LYS B 231 -37.24 -2.73 6.99
N TYR B 232 -36.77 -3.19 8.16
CA TYR B 232 -35.51 -2.73 8.72
C TYR B 232 -34.31 -3.51 8.22
N ARG B 233 -34.53 -4.69 7.63
CA ARG B 233 -33.51 -5.42 6.88
C ARG B 233 -34.14 -5.78 5.54
N PRO B 234 -34.07 -4.86 4.57
CA PRO B 234 -34.74 -5.08 3.29
C PRO B 234 -34.03 -6.02 2.33
N TRP B 235 -32.81 -6.45 2.62
CA TRP B 235 -32.11 -7.35 1.71
C TRP B 235 -32.49 -8.82 1.89
N GLU B 236 -33.05 -9.19 3.04
CA GLU B 236 -33.34 -10.59 3.36
C GLU B 236 -34.76 -10.91 2.89
N LYS B 237 -34.86 -11.42 1.67
CA LYS B 237 -36.15 -11.60 1.01
C LYS B 237 -36.35 -13.02 0.51
N PHE B 238 -35.70 -14.01 1.13
CA PHE B 238 -35.93 -15.41 0.81
C PHE B 238 -35.97 -16.21 2.10
N ASP B 239 -36.21 -17.52 1.98
CA ASP B 239 -36.50 -18.35 3.14
C ASP B 239 -35.57 -19.55 3.29
N PHE B 240 -35.17 -20.17 2.17
CA PHE B 240 -34.25 -21.33 2.11
C PHE B 240 -34.82 -22.52 2.91
N GLU B 241 -35.87 -23.10 2.35
CA GLU B 241 -36.39 -24.38 2.82
C GLU B 241 -35.33 -25.47 2.71
N GLN B 242 -35.49 -26.53 3.52
CA GLN B 242 -34.47 -27.54 3.78
C GLN B 242 -34.14 -28.35 2.52
N VAL B 243 -32.98 -29.01 2.56
CA VAL B 243 -32.46 -29.72 1.40
C VAL B 243 -33.24 -31.02 1.17
N GLN B 244 -33.40 -31.82 2.22
CA GLN B 244 -34.02 -33.14 2.11
C GLN B 244 -35.52 -33.11 1.94
N LYS B 245 -36.17 -31.98 2.16
CA LYS B 245 -37.62 -31.89 2.02
C LYS B 245 -38.07 -31.45 0.64
N SER B 246 -37.38 -30.49 0.02
CA SER B 246 -37.76 -29.95 -1.28
C SER B 246 -36.52 -29.63 -2.11
N PRO B 247 -35.88 -30.65 -2.70
CA PRO B 247 -34.61 -30.39 -3.39
C PRO B 247 -34.83 -29.72 -4.74
N LYS B 248 -33.96 -28.77 -5.05
CA LYS B 248 -33.99 -28.05 -6.32
C LYS B 248 -32.57 -27.64 -6.66
N PRO B 249 -31.79 -28.56 -7.24
CA PRO B 249 -30.34 -28.34 -7.34
C PRO B 249 -30.00 -27.32 -8.42
N ILE B 250 -29.23 -26.30 -8.04
CA ILE B 250 -28.79 -25.28 -8.98
C ILE B 250 -27.73 -25.85 -9.90
N SER B 251 -27.92 -25.68 -11.21
CA SER B 251 -26.90 -26.00 -12.20
C SER B 251 -26.38 -24.71 -12.82
N LEU B 252 -25.08 -24.48 -12.69
CA LEU B 252 -24.45 -23.29 -13.27
C LEU B 252 -23.57 -23.69 -14.44
N LEU B 253 -23.35 -22.72 -15.33
CA LEU B 253 -22.50 -22.88 -16.51
C LEU B 253 -21.21 -22.09 -16.32
N LEU B 254 -20.09 -22.80 -16.29
CA LEU B 254 -18.77 -22.27 -15.94
C LEU B 254 -17.90 -22.13 -17.18
N SER B 255 -17.33 -20.94 -17.38
CA SER B 255 -16.45 -20.66 -18.50
C SER B 255 -15.03 -20.39 -18.01
N THR B 256 -14.05 -20.69 -18.86
CA THR B 256 -12.64 -20.39 -18.62
C THR B 256 -12.18 -19.07 -19.21
N GLN B 257 -13.07 -18.32 -19.85
CA GLN B 257 -12.70 -17.09 -20.50
C GLN B 257 -12.39 -16.01 -19.45
N ARG B 258 -11.36 -15.22 -19.70
CA ARG B 258 -11.14 -14.04 -18.88
C ARG B 258 -10.64 -12.89 -19.76
N ARG B 259 -10.88 -11.67 -19.30
CA ARG B 259 -10.44 -10.50 -20.06
C ARG B 259 -8.95 -10.28 -19.93
N LYS B 260 -8.30 -9.94 -21.05
CA LYS B 260 -6.88 -9.60 -21.05
C LYS B 260 -6.72 -8.14 -20.59
N ARG B 261 -6.91 -7.96 -19.27
CA ARG B 261 -6.97 -6.64 -18.63
C ARG B 261 -8.01 -5.76 -19.33
N ASN B 262 -9.26 -6.20 -19.23
CA ASN B 262 -10.48 -5.60 -19.79
C ASN B 262 -10.53 -5.64 -21.32
N LYS B 263 -9.63 -6.38 -21.97
CA LYS B 263 -9.72 -6.64 -23.40
C LYS B 263 -10.55 -7.90 -23.65
N GLY B 264 -10.42 -8.49 -24.85
CA GLY B 264 -11.22 -9.64 -25.21
C GLY B 264 -10.92 -10.89 -24.40
N TRP B 265 -11.86 -11.83 -24.46
CA TRP B 265 -11.80 -13.08 -23.71
C TRP B 265 -10.70 -14.01 -24.22
N SER B 266 -9.71 -14.27 -23.37
CA SER B 266 -8.71 -15.30 -23.60
C SER B 266 -9.06 -16.54 -22.78
N LYS B 267 -8.89 -17.71 -23.39
CA LYS B 267 -9.05 -18.98 -22.69
C LYS B 267 -7.90 -19.19 -21.70
N ASP B 268 -8.23 -19.37 -20.42
CA ASP B 268 -7.23 -19.71 -19.41
C ASP B 268 -7.11 -21.24 -19.35
N GLU B 269 -6.02 -21.78 -19.90
CA GLU B 269 -5.81 -23.23 -19.93
C GLU B 269 -5.22 -23.78 -18.63
N GLY B 270 -4.68 -22.90 -17.77
CA GLY B 270 -4.10 -23.34 -16.52
C GLY B 270 -5.10 -23.91 -15.54
N THR B 271 -6.35 -23.45 -15.60
CA THR B 271 -7.40 -24.05 -14.80
C THR B 271 -8.11 -25.14 -15.58
N GLU B 272 -8.14 -24.98 -16.91
CA GLU B 272 -8.92 -25.86 -17.78
C GLU B 272 -8.37 -27.28 -17.77
N ALA B 273 -7.03 -27.41 -17.74
CA ALA B 273 -6.39 -28.72 -17.61
C ALA B 273 -6.74 -29.39 -16.29
N GLU B 274 -6.84 -28.60 -15.23
CA GLU B 274 -7.19 -29.15 -13.93
C GLU B 274 -8.65 -29.58 -13.88
N ILE B 275 -9.53 -28.85 -14.58
CA ILE B 275 -10.93 -29.29 -14.64
C ILE B 275 -11.06 -30.58 -15.46
N LYS B 276 -10.23 -30.74 -16.50
CA LYS B 276 -10.19 -32.01 -17.24
C LYS B 276 -9.73 -33.14 -16.33
N LYS B 277 -8.75 -32.86 -15.46
CA LYS B 277 -8.32 -33.87 -14.50
C LYS B 277 -9.41 -34.13 -13.45
N VAL B 278 -10.29 -33.16 -13.18
CA VAL B 278 -11.43 -33.40 -12.28
C VAL B 278 -12.43 -34.37 -12.90
N MET B 279 -12.88 -34.13 -14.15
CA MET B 279 -13.89 -35.03 -14.73
C MET B 279 -13.37 -36.44 -15.00
N ASN B 280 -12.07 -36.60 -15.25
CA ASN B 280 -11.55 -37.89 -15.69
C ASN B 280 -11.51 -38.94 -14.59
N GLY B 281 -11.71 -38.55 -13.33
CA GLY B 281 -11.91 -39.52 -12.27
C GLY B 281 -11.08 -39.27 -11.03
N ASP B 282 -9.83 -38.86 -11.21
CA ASP B 282 -9.05 -38.37 -10.09
C ASP B 282 -9.45 -36.94 -9.75
N TYR B 283 -8.76 -36.36 -8.76
CA TYR B 283 -8.95 -34.98 -8.28
C TYR B 283 -10.40 -34.74 -7.83
N GLN B 284 -10.75 -35.37 -6.71
CA GLN B 284 -12.07 -35.16 -6.13
C GLN B 284 -12.12 -33.82 -5.42
N THR B 285 -13.16 -33.03 -5.68
CA THR B 285 -13.26 -31.70 -5.11
C THR B 285 -14.07 -31.71 -3.81
N SER B 286 -13.84 -30.68 -3.00
CA SER B 286 -14.40 -30.64 -1.65
C SER B 286 -14.82 -29.25 -1.19
N TYR B 287 -14.74 -28.23 -2.03
CA TYR B 287 -14.97 -26.86 -1.58
C TYR B 287 -15.31 -25.98 -2.77
N ILE B 288 -16.58 -25.57 -2.87
CA ILE B 288 -17.04 -24.74 -3.97
C ILE B 288 -17.45 -23.39 -3.41
N GLU B 289 -16.54 -22.41 -3.45
CA GLU B 289 -16.91 -21.06 -3.05
C GLU B 289 -17.51 -20.27 -4.21
N VAL B 290 -18.46 -19.41 -3.89
CA VAL B 290 -19.01 -18.40 -4.80
C VAL B 290 -18.64 -17.03 -4.25
N LYS B 291 -18.12 -16.15 -5.10
CA LYS B 291 -17.75 -14.81 -4.64
C LYS B 291 -17.81 -13.86 -5.81
N ARG B 292 -17.76 -12.56 -5.52
CA ARG B 292 -17.73 -11.59 -6.60
C ARG B 292 -16.31 -11.49 -7.17
N GLY B 293 -16.22 -10.97 -8.39
CA GLY B 293 -14.91 -10.86 -9.05
C GLY B 293 -14.08 -9.71 -8.50
N SER B 294 -12.77 -9.95 -8.40
CA SER B 294 -11.86 -8.94 -7.86
C SER B 294 -11.12 -8.13 -8.92
N LYS B 295 -11.01 -8.63 -10.15
CA LYS B 295 -10.21 -7.94 -11.15
C LYS B 295 -10.97 -6.77 -11.77
N ILE B 296 -10.26 -5.99 -12.59
CA ILE B 296 -10.88 -4.87 -13.28
C ILE B 296 -11.78 -5.36 -14.40
N CYS B 297 -12.93 -4.68 -14.56
CA CYS B 297 -14.06 -5.08 -15.42
C CYS B 297 -14.54 -6.50 -15.15
N GLU B 298 -14.50 -6.90 -13.87
CA GLU B 298 -15.09 -8.16 -13.43
C GLU B 298 -15.82 -8.04 -12.10
N LYS B 299 -15.94 -6.83 -11.55
CA LYS B 299 -16.48 -6.60 -10.22
C LYS B 299 -17.96 -6.96 -10.12
N SER B 300 -18.69 -6.94 -11.23
CA SER B 300 -20.09 -7.35 -11.25
C SER B 300 -20.27 -8.79 -11.73
N ALA B 301 -19.21 -9.58 -11.73
CA ALA B 301 -19.24 -10.96 -12.22
C ALA B 301 -19.08 -11.92 -11.06
N TRP B 302 -19.94 -12.93 -11.00
CA TRP B 302 -19.92 -13.92 -9.92
C TRP B 302 -18.99 -15.08 -10.30
N MET B 303 -17.87 -15.19 -9.60
CA MET B 303 -16.81 -16.14 -9.92
C MET B 303 -16.81 -17.25 -8.88
N LEU B 304 -16.53 -18.48 -9.34
CA LEU B 304 -16.75 -19.70 -8.57
C LEU B 304 -15.41 -20.41 -8.40
N ASN B 305 -14.89 -20.39 -7.18
CA ASN B 305 -13.60 -21.01 -6.84
C ASN B 305 -13.82 -22.47 -6.45
N LEU B 306 -13.24 -23.40 -7.21
CA LEU B 306 -13.13 -24.79 -6.77
C LEU B 306 -11.80 -24.97 -6.05
N SER B 307 -11.86 -25.14 -4.73
CA SER B 307 -10.67 -25.48 -3.96
C SER B 307 -10.53 -27.00 -3.94
N ILE B 308 -9.32 -27.49 -4.20
CA ILE B 308 -9.05 -28.91 -4.29
C ILE B 308 -7.71 -29.20 -3.63
N ASP B 309 -7.63 -30.35 -2.94
CA ASP B 309 -6.50 -30.65 -2.09
C ASP B 309 -5.59 -31.68 -2.76
N VAL B 310 -4.30 -31.35 -2.85
CA VAL B 310 -3.30 -32.28 -3.39
C VAL B 310 -2.25 -32.53 -2.32
N PRO B 311 -1.65 -33.72 -2.25
CA PRO B 311 -0.63 -33.96 -1.23
C PRO B 311 0.70 -33.35 -1.62
N LYS B 312 1.45 -32.95 -0.59
CA LYS B 312 2.79 -32.41 -0.81
C LYS B 312 3.77 -33.49 -1.27
N ILE B 313 3.93 -33.61 -2.59
CA ILE B 313 4.72 -34.68 -3.19
C ILE B 313 5.81 -34.05 -4.02
N ASP B 314 7.07 -34.39 -3.73
CA ASP B 314 8.20 -33.87 -4.47
C ASP B 314 8.43 -34.70 -5.73
N LYS B 315 9.26 -34.18 -6.63
CA LYS B 315 9.76 -34.95 -7.76
C LYS B 315 11.24 -35.28 -7.65
N GLY B 316 12.03 -34.41 -7.04
CA GLY B 316 13.47 -34.60 -7.01
C GLY B 316 14.16 -33.89 -8.16
N VAL B 317 15.14 -34.54 -8.76
CA VAL B 317 15.77 -34.07 -9.99
C VAL B 317 15.85 -35.25 -10.95
N ASP B 318 15.74 -34.94 -12.25
CA ASP B 318 15.85 -35.94 -13.30
C ASP B 318 16.93 -35.56 -14.28
N PRO B 319 17.83 -36.48 -14.65
CA PRO B 319 18.99 -36.12 -15.48
C PRO B 319 18.67 -35.95 -16.96
N SER B 320 17.41 -36.06 -17.38
CA SER B 320 17.04 -35.75 -18.76
C SER B 320 17.00 -34.24 -18.99
N ILE B 321 16.56 -33.47 -18.00
CA ILE B 321 16.56 -32.02 -18.12
C ILE B 321 18.00 -31.51 -17.98
N ILE B 322 18.40 -30.60 -18.87
CA ILE B 322 19.78 -30.13 -18.94
C ILE B 322 19.76 -28.60 -18.95
N GLY B 323 20.46 -27.99 -18.01
CA GLY B 323 20.55 -26.55 -17.93
C GLY B 323 21.95 -26.03 -18.25
N GLY B 324 22.05 -24.71 -18.35
CA GLY B 324 23.32 -24.07 -18.68
C GLY B 324 23.46 -22.66 -18.14
N ILE B 325 24.68 -22.31 -17.75
CA ILE B 325 25.01 -21.00 -17.20
C ILE B 325 26.03 -20.34 -18.13
N ASP B 326 25.75 -19.11 -18.54
CA ASP B 326 26.68 -18.38 -19.40
C ASP B 326 26.66 -16.91 -19.02
N VAL B 327 27.81 -16.25 -19.15
CA VAL B 327 27.87 -14.83 -18.82
C VAL B 327 27.16 -14.00 -19.89
N GLY B 328 26.74 -12.81 -19.49
CA GLY B 328 26.04 -11.89 -20.37
C GLY B 328 26.79 -10.58 -20.48
N VAL B 329 26.14 -9.56 -21.02
CA VAL B 329 26.79 -8.27 -21.22
C VAL B 329 26.13 -7.15 -20.43
N LYS B 330 24.85 -7.25 -20.09
CA LYS B 330 24.20 -6.34 -19.17
C LYS B 330 23.94 -6.97 -17.81
N SER B 331 24.14 -8.28 -17.66
CA SER B 331 23.95 -8.99 -16.41
C SER B 331 25.04 -10.05 -16.26
N PRO B 332 25.58 -10.21 -15.05
CA PRO B 332 26.80 -11.04 -14.89
C PRO B 332 26.62 -12.52 -15.21
N LEU B 333 25.45 -13.10 -14.93
CA LEU B 333 25.25 -14.52 -15.19
C LEU B 333 23.81 -14.76 -15.64
N VAL B 334 23.67 -15.48 -16.76
CA VAL B 334 22.38 -15.84 -17.34
C VAL B 334 22.26 -17.36 -17.31
N CYS B 335 21.20 -17.86 -16.67
CA CYS B 335 20.89 -19.28 -16.69
C CYS B 335 19.80 -19.57 -17.73
N ALA B 336 19.73 -20.84 -18.15
CA ALA B 336 18.84 -21.21 -19.26
C ALA B 336 18.66 -22.72 -19.28
N ILE B 337 17.49 -23.16 -19.74
CA ILE B 337 17.21 -24.56 -19.99
C ILE B 337 16.81 -24.72 -21.46
N ASN B 338 17.13 -25.88 -22.02
CA ASN B 338 17.06 -26.09 -23.47
C ASN B 338 15.62 -26.20 -23.97
N ASN B 339 14.82 -27.06 -23.35
CA ASN B 339 13.49 -27.37 -23.87
C ASN B 339 12.41 -26.49 -23.28
N ALA B 340 12.72 -25.70 -22.26
CA ALA B 340 11.79 -24.77 -21.65
C ALA B 340 12.19 -23.35 -22.02
N PHE B 341 11.44 -22.37 -21.51
CA PHE B 341 11.90 -21.00 -21.62
C PHE B 341 12.86 -20.74 -20.47
N SER B 342 12.31 -20.59 -19.26
CA SER B 342 12.97 -20.63 -17.95
C SER B 342 14.35 -19.99 -17.86
N ARG B 343 14.44 -18.67 -18.03
CA ARG B 343 15.71 -18.00 -17.77
C ARG B 343 15.72 -17.42 -16.37
N TYR B 344 16.92 -17.08 -15.91
CA TYR B 344 17.10 -16.48 -14.59
C TYR B 344 18.32 -15.58 -14.69
N SER B 345 18.07 -14.30 -14.97
CA SER B 345 19.14 -13.33 -15.15
C SER B 345 19.50 -12.67 -13.83
N ILE B 346 20.75 -12.85 -13.40
CA ILE B 346 21.20 -12.32 -12.12
C ILE B 346 21.38 -10.81 -12.26
N SER B 347 20.77 -10.05 -11.35
CA SER B 347 20.76 -8.61 -11.53
C SER B 347 22.12 -8.01 -11.15
N ASP B 348 22.36 -6.80 -11.64
CA ASP B 348 23.67 -6.18 -11.57
C ASP B 348 23.75 -5.07 -10.53
N ASN B 349 22.59 -4.58 -10.08
CA ASN B 349 22.49 -3.27 -9.43
C ASN B 349 23.21 -3.20 -8.10
N ASP B 350 23.22 -4.29 -7.33
CA ASP B 350 23.91 -4.24 -6.05
C ASP B 350 25.43 -4.31 -6.23
N LEU B 351 25.88 -5.10 -7.20
CA LEU B 351 27.29 -5.09 -7.61
C LEU B 351 27.70 -3.71 -8.09
N PHE B 352 26.86 -3.11 -8.95
CA PHE B 352 27.15 -1.80 -9.54
C PHE B 352 27.19 -0.70 -8.48
N HIS B 353 26.30 -0.75 -7.50
CA HIS B 353 26.27 0.30 -6.48
C HIS B 353 27.36 0.09 -5.44
N PHE B 354 27.70 -1.17 -5.12
CA PHE B 354 28.86 -1.45 -4.29
C PHE B 354 30.13 -0.93 -4.95
N ASN B 355 30.27 -1.18 -6.26
CA ASN B 355 31.47 -0.73 -6.98
C ASN B 355 31.47 0.79 -7.10
N LYS B 356 30.29 1.40 -7.19
CA LYS B 356 30.19 2.86 -7.27
C LYS B 356 30.63 3.51 -5.95
N LYS B 357 30.23 2.93 -4.82
CA LYS B 357 30.69 3.46 -3.54
C LYS B 357 32.15 3.15 -3.29
N MET B 358 32.64 1.99 -3.74
CA MET B 358 34.04 1.66 -3.52
C MET B 358 34.97 2.53 -4.36
N PHE B 359 34.56 2.86 -5.59
CA PHE B 359 35.36 3.79 -6.39
C PHE B 359 35.25 5.22 -5.88
N ALA B 360 34.14 5.58 -5.24
CA ALA B 360 34.08 6.92 -4.65
C ALA B 360 35.00 7.02 -3.42
N ARG B 361 35.02 5.97 -2.59
CA ARG B 361 35.97 5.95 -1.47
C ARG B 361 37.42 5.86 -1.92
N ARG B 362 37.69 5.17 -3.04
CA ARG B 362 39.03 5.16 -3.60
C ARG B 362 39.42 6.54 -4.12
N ARG B 363 38.54 7.20 -4.88
CA ARG B 363 38.83 8.52 -5.41
C ARG B 363 39.00 9.56 -4.30
N ILE B 364 38.39 9.32 -3.14
CA ILE B 364 38.58 10.25 -2.02
C ILE B 364 39.86 9.96 -1.26
N LEU B 365 40.09 8.70 -0.86
CA LEU B 365 41.28 8.38 -0.08
C LEU B 365 42.58 8.46 -0.86
N LEU B 366 42.55 8.48 -2.20
CA LEU B 366 43.74 8.77 -2.99
C LEU B 366 43.88 10.25 -3.34
N LYS B 367 42.95 11.09 -2.90
CA LYS B 367 43.06 12.53 -3.10
C LYS B 367 43.40 13.30 -1.84
N LYS B 368 42.85 12.92 -0.69
CA LYS B 368 43.16 13.58 0.58
C LYS B 368 44.23 12.82 1.36
N ASN B 369 45.20 12.25 0.63
CA ASN B 369 46.41 11.71 1.23
C ASN B 369 47.69 12.45 0.86
N ARG B 370 47.66 13.29 -0.19
CA ARG B 370 48.89 13.88 -0.70
C ARG B 370 49.42 14.97 0.22
N HIS B 371 48.54 15.72 0.87
CA HIS B 371 48.97 16.76 1.81
C HIS B 371 48.79 16.36 3.26
N LYS B 372 47.73 15.61 3.59
CA LYS B 372 47.46 15.26 4.99
C LYS B 372 48.45 14.20 5.48
N ARG B 373 48.51 13.07 4.79
CA ARG B 373 49.42 11.99 5.15
C ARG B 373 50.79 12.31 4.55
N ALA B 374 51.68 12.86 5.38
CA ALA B 374 52.97 13.35 4.92
C ALA B 374 53.98 13.27 6.05
N GLY B 375 55.26 13.31 5.69
CA GLY B 375 56.35 13.18 6.63
C GLY B 375 56.82 11.75 6.91
N HIS B 376 55.97 10.76 6.72
CA HIS B 376 56.37 9.37 6.90
C HIS B 376 56.48 8.59 5.59
N GLY B 377 56.30 9.23 4.44
CA GLY B 377 56.37 8.52 3.18
C GLY B 377 55.00 8.11 2.66
N ALA B 378 55.04 7.27 1.63
CA ALA B 378 53.81 6.71 1.07
C ALA B 378 53.20 5.66 1.97
N LYS B 379 53.96 5.14 2.95
CA LYS B 379 53.45 4.15 3.88
C LYS B 379 52.31 4.72 4.71
N ASN B 380 52.42 5.99 5.12
CA ASN B 380 51.35 6.66 5.86
C ASN B 380 50.10 6.72 4.99
N LYS B 381 50.29 7.03 3.70
CA LYS B 381 49.19 7.07 2.74
C LYS B 381 48.57 5.69 2.57
N LEU B 382 49.39 4.64 2.53
CA LEU B 382 48.87 3.28 2.17
C LEU B 382 48.05 2.59 3.27
N LYS B 383 47.85 3.20 4.43
CA LYS B 383 47.14 2.45 5.51
C LYS B 383 45.69 2.08 5.15
N PRO B 384 44.81 2.98 4.63
CA PRO B 384 43.40 2.64 4.36
C PRO B 384 43.00 1.68 3.24
N ILE B 385 43.64 1.76 2.06
CA ILE B 385 43.20 0.97 0.88
C ILE B 385 43.31 -0.55 1.10
N THR B 386 44.40 -1.03 1.70
CA THR B 386 44.62 -2.49 1.84
C THR B 386 43.40 -3.14 2.52
N ILE B 387 42.74 -2.42 3.43
CA ILE B 387 41.62 -2.98 4.19
C ILE B 387 40.33 -2.86 3.40
N LEU B 388 40.14 -1.75 2.66
CA LEU B 388 38.91 -1.62 1.87
C LEU B 388 38.83 -2.71 0.80
N THR B 389 39.94 -3.02 0.12
CA THR B 389 39.90 -4.06 -0.90
C THR B 389 39.79 -5.45 -0.28
N GLU B 390 40.32 -5.65 0.93
CA GLU B 390 40.10 -6.90 1.64
C GLU B 390 38.62 -7.10 1.97
N LYS B 391 37.97 -6.03 2.42
CA LYS B 391 36.53 -6.07 2.69
C LYS B 391 35.74 -6.23 1.40
N SER B 392 36.24 -5.64 0.30
CA SER B 392 35.61 -5.82 -1.00
C SER B 392 35.71 -7.27 -1.48
N GLU B 393 36.85 -7.93 -1.24
CA GLU B 393 36.97 -9.33 -1.59
C GLU B 393 36.06 -10.21 -0.74
N ARG B 394 35.88 -9.85 0.54
CA ARG B 394 34.96 -10.62 1.37
C ARG B 394 33.51 -10.37 0.97
N PHE B 395 33.23 -9.16 0.47
CA PHE B 395 31.90 -8.84 -0.06
C PHE B 395 31.63 -9.63 -1.33
N ARG B 396 32.61 -9.66 -2.24
CA ARG B 396 32.48 -10.44 -3.47
C ARG B 396 32.30 -11.92 -3.15
N LYS B 397 32.95 -12.41 -2.10
CA LYS B 397 32.78 -13.81 -1.70
C LYS B 397 31.36 -14.08 -1.19
N LYS B 398 30.82 -13.18 -0.38
CA LYS B 398 29.43 -13.36 0.08
C LYS B 398 28.43 -13.17 -1.05
N LEU B 399 28.74 -12.29 -2.01
CA LEU B 399 27.88 -12.08 -3.17
C LEU B 399 27.86 -13.30 -4.07
N ILE B 400 29.03 -13.93 -4.28
CA ILE B 400 29.12 -15.15 -5.05
C ILE B 400 28.40 -16.29 -4.35
N GLU B 401 28.43 -16.33 -3.02
CA GLU B 401 27.67 -17.34 -2.29
C GLU B 401 26.16 -17.12 -2.42
N ARG B 402 25.73 -15.85 -2.44
CA ARG B 402 24.33 -15.55 -2.66
C ARG B 402 23.89 -15.91 -4.08
N TRP B 403 24.76 -15.64 -5.07
CA TRP B 403 24.46 -16.00 -6.45
C TRP B 403 24.39 -17.51 -6.65
N ALA B 404 25.28 -18.26 -5.99
CA ALA B 404 25.23 -19.71 -6.03
C ALA B 404 23.96 -20.25 -5.37
N CYS B 405 23.51 -19.61 -4.29
CA CYS B 405 22.24 -20.00 -3.67
C CYS B 405 21.07 -19.74 -4.60
N GLU B 406 21.07 -18.59 -5.28
CA GLU B 406 19.99 -18.23 -6.20
C GLU B 406 19.94 -19.19 -7.38
N ILE B 407 21.11 -19.48 -7.97
CA ILE B 407 21.21 -20.39 -9.11
C ILE B 407 20.76 -21.79 -8.73
N ALA B 408 21.20 -22.29 -7.56
CA ALA B 408 20.81 -23.63 -7.16
C ALA B 408 19.34 -23.72 -6.79
N ASP B 409 18.76 -22.65 -6.22
CA ASP B 409 17.32 -22.63 -5.97
C ASP B 409 16.53 -22.63 -7.27
N PHE B 410 17.06 -21.93 -8.28
CA PHE B 410 16.44 -21.88 -9.59
C PHE B 410 16.44 -23.25 -10.25
N PHE B 411 17.58 -23.94 -10.21
CA PHE B 411 17.65 -25.26 -10.83
C PHE B 411 16.91 -26.34 -10.03
N ILE B 412 16.70 -26.16 -8.72
CA ILE B 412 15.88 -27.12 -7.99
C ILE B 412 14.40 -26.90 -8.28
N LYS B 413 13.96 -25.63 -8.31
CA LYS B 413 12.56 -25.34 -8.63
C LYS B 413 12.21 -25.79 -10.05
N ASN B 414 13.10 -25.56 -11.01
CA ASN B 414 12.80 -25.95 -12.39
C ASN B 414 13.14 -27.41 -12.68
N LYS B 415 13.51 -28.19 -11.66
CA LYS B 415 13.80 -29.63 -11.71
C LYS B 415 14.86 -29.99 -12.76
N VAL B 416 16.06 -29.46 -12.55
CA VAL B 416 17.19 -29.70 -13.45
C VAL B 416 18.18 -30.60 -12.72
N GLY B 417 18.68 -31.63 -13.40
CA GLY B 417 19.51 -32.61 -12.75
C GLY B 417 20.97 -32.55 -13.11
N THR B 418 21.29 -31.94 -14.24
CA THR B 418 22.67 -31.82 -14.71
C THR B 418 22.85 -30.46 -15.39
N VAL B 419 23.63 -29.58 -14.77
CA VAL B 419 23.92 -28.26 -15.31
C VAL B 419 25.26 -28.31 -16.04
N GLN B 420 25.31 -27.72 -17.23
CA GLN B 420 26.52 -27.68 -18.05
C GLN B 420 27.05 -26.25 -18.06
N MET B 421 28.19 -26.04 -17.42
CA MET B 421 28.86 -24.75 -17.44
C MET B 421 30.00 -24.77 -18.45
N GLU B 422 30.29 -23.59 -19.01
CA GLU B 422 31.48 -23.41 -19.83
C GLU B 422 32.74 -23.56 -18.98
N ASN B 423 33.84 -23.90 -19.63
CA ASN B 423 35.08 -24.16 -18.91
C ASN B 423 35.68 -22.85 -18.41
N LEU B 424 36.59 -22.97 -17.44
CA LEU B 424 37.03 -21.82 -16.65
C LEU B 424 37.85 -20.84 -17.49
N GLU B 425 38.83 -21.35 -18.23
CA GLU B 425 39.64 -20.48 -19.07
C GLU B 425 38.85 -19.99 -20.27
N SER B 426 37.86 -20.76 -20.72
CA SER B 426 37.02 -20.28 -21.80
C SER B 426 36.03 -19.25 -21.28
N MET B 427 35.73 -19.29 -19.98
CA MET B 427 34.83 -18.32 -19.38
C MET B 427 35.52 -16.98 -19.21
N LYS B 428 36.77 -16.98 -18.75
CA LYS B 428 37.42 -15.70 -18.49
C LYS B 428 37.95 -15.02 -19.75
N ARG B 429 38.26 -15.78 -20.80
CA ARG B 429 38.80 -15.21 -22.04
C ARG B 429 37.67 -14.83 -23.00
N LYS B 430 36.82 -13.90 -22.55
CA LYS B 430 35.56 -13.62 -23.24
C LYS B 430 35.35 -12.12 -23.27
N GLU B 431 35.25 -11.55 -24.49
CA GLU B 431 34.84 -10.17 -24.65
C GLU B 431 33.34 -9.98 -24.59
N ASP B 432 32.56 -11.07 -24.58
CA ASP B 432 31.11 -11.01 -24.43
C ASP B 432 30.69 -11.28 -22.99
N SER B 433 31.52 -10.88 -22.03
CA SER B 433 31.24 -10.98 -20.61
C SER B 433 30.98 -9.59 -20.04
N TYR B 434 30.23 -9.55 -18.93
CA TYR B 434 30.06 -8.30 -18.19
C TYR B 434 31.40 -7.83 -17.62
N PHE B 435 32.21 -8.78 -17.16
CA PHE B 435 33.61 -8.55 -16.82
C PHE B 435 34.42 -8.38 -18.10
N ASN B 436 35.63 -7.84 -17.95
CA ASN B 436 36.55 -7.38 -19.01
C ASN B 436 35.98 -6.25 -19.88
N ILE B 437 34.86 -5.63 -19.48
CA ILE B 437 34.31 -4.45 -20.13
C ILE B 437 34.11 -3.37 -19.08
N ARG B 438 33.49 -3.71 -17.97
CA ARG B 438 33.28 -2.76 -16.88
C ARG B 438 34.29 -2.97 -15.76
N LEU B 439 34.27 -4.15 -15.15
CA LEU B 439 35.30 -4.58 -14.20
C LEU B 439 36.46 -5.21 -14.96
N ARG B 440 37.58 -4.46 -15.06
CA ARG B 440 38.58 -4.70 -16.11
C ARG B 440 39.26 -6.05 -15.98
N GLY B 441 39.63 -6.46 -14.77
CA GLY B 441 39.98 -7.84 -14.54
C GLY B 441 39.61 -8.37 -13.16
N PHE B 442 39.13 -7.49 -12.29
CA PHE B 442 39.11 -7.75 -10.84
C PHE B 442 37.95 -8.66 -10.46
N TRP B 443 38.10 -9.96 -10.77
CA TRP B 443 37.07 -10.91 -10.35
C TRP B 443 37.67 -12.29 -10.12
N PRO B 444 37.26 -12.99 -9.05
CA PRO B 444 37.66 -14.40 -8.79
C PRO B 444 36.80 -15.41 -9.54
N TYR B 445 37.16 -15.70 -10.80
CA TYR B 445 36.41 -16.68 -11.59
C TYR B 445 36.51 -18.08 -11.01
N ALA B 446 37.66 -18.43 -10.45
CA ALA B 446 37.89 -19.78 -9.93
C ALA B 446 37.06 -20.02 -8.66
N GLU B 447 37.03 -19.04 -7.77
CA GLU B 447 36.23 -19.12 -6.55
C GLU B 447 34.74 -19.13 -6.87
N MET B 448 34.36 -18.36 -7.90
CA MET B 448 32.98 -18.31 -8.36
C MET B 448 32.52 -19.67 -8.87
N GLN B 449 33.32 -20.28 -9.75
CA GLN B 449 32.94 -21.58 -10.30
C GLN B 449 32.99 -22.68 -9.24
N ASN B 450 33.93 -22.60 -8.29
CA ASN B 450 33.96 -23.62 -7.24
C ASN B 450 32.79 -23.50 -6.28
N LYS B 451 32.33 -22.28 -5.99
CA LYS B 451 31.17 -22.15 -5.12
C LYS B 451 29.86 -22.51 -5.83
N ILE B 452 29.75 -22.21 -7.12
CA ILE B 452 28.56 -22.65 -7.87
C ILE B 452 28.54 -24.17 -8.00
N GLU B 453 29.70 -24.78 -8.26
CA GLU B 453 29.80 -26.23 -8.33
C GLU B 453 29.48 -26.88 -6.99
N PHE B 454 29.94 -26.28 -5.88
CA PHE B 454 29.71 -26.87 -4.58
C PHE B 454 28.26 -26.72 -4.15
N LYS B 455 27.66 -25.55 -4.41
CA LYS B 455 26.25 -25.34 -4.07
C LYS B 455 25.33 -26.20 -4.91
N LEU B 456 25.71 -26.50 -6.17
CA LEU B 456 24.90 -27.39 -6.98
C LEU B 456 25.09 -28.85 -6.59
N LYS B 457 26.33 -29.24 -6.22
CA LYS B 457 26.61 -30.61 -5.79
C LYS B 457 26.11 -30.87 -4.37
N GLN B 458 25.76 -29.83 -3.61
CA GLN B 458 25.03 -30.02 -2.36
C GLN B 458 23.65 -30.61 -2.62
N TYR B 459 23.02 -30.22 -3.71
CA TYR B 459 21.66 -30.62 -4.03
C TYR B 459 21.59 -31.79 -5.01
N GLY B 460 22.68 -32.54 -5.16
CA GLY B 460 22.68 -33.70 -6.03
C GLY B 460 22.62 -33.40 -7.51
N ILE B 461 23.23 -32.30 -7.96
CA ILE B 461 23.27 -31.92 -9.36
C ILE B 461 24.70 -32.05 -9.87
N GLU B 462 24.87 -32.80 -10.97
CA GLU B 462 26.18 -32.92 -11.59
C GLU B 462 26.53 -31.64 -12.34
N ILE B 463 27.83 -31.47 -12.60
CA ILE B 463 28.35 -30.44 -13.50
C ILE B 463 29.04 -31.10 -14.69
N ARG B 464 28.84 -30.55 -15.87
CA ARG B 464 29.64 -30.88 -17.04
C ARG B 464 30.32 -29.63 -17.59
N LYS B 465 31.37 -29.85 -18.38
CA LYS B 465 32.33 -28.79 -18.72
C LYS B 465 32.52 -28.68 -20.23
N VAL B 466 31.43 -28.41 -20.96
CA VAL B 466 31.31 -28.79 -22.37
C VAL B 466 32.30 -28.04 -23.27
N ALA B 467 32.57 -26.74 -22.95
CA ALA B 467 33.51 -25.83 -23.63
C ALA B 467 33.31 -25.73 -25.14
N PRO B 468 32.29 -24.97 -25.60
CA PRO B 468 32.06 -24.83 -27.04
C PRO B 468 33.18 -24.11 -27.78
N ASN B 469 33.27 -24.40 -29.08
CA ASN B 469 34.29 -23.80 -29.93
C ASN B 469 33.98 -22.33 -30.23
N ASN B 470 32.72 -22.02 -30.53
CA ASN B 470 32.33 -20.64 -30.84
C ASN B 470 30.83 -20.53 -30.53
N THR B 471 30.51 -20.01 -29.35
CA THR B 471 29.16 -19.67 -28.94
C THR B 471 28.90 -18.17 -29.13
N SER B 472 27.76 -17.71 -28.57
CA SER B 472 27.25 -16.33 -28.54
C SER B 472 26.77 -15.81 -29.89
N LYS B 473 26.94 -16.57 -30.97
CA LYS B 473 26.30 -16.26 -32.24
C LYS B 473 25.58 -17.44 -32.90
N THR B 474 25.86 -18.67 -32.48
CA THR B 474 25.08 -19.82 -32.92
C THR B 474 23.68 -19.77 -32.33
N CYS B 475 22.67 -19.89 -33.19
CA CYS B 475 21.30 -19.93 -32.69
C CYS B 475 20.97 -21.33 -32.17
N SER B 476 19.87 -21.43 -31.42
CA SER B 476 19.49 -22.69 -30.79
C SER B 476 18.51 -23.51 -31.62
N LYS B 477 17.49 -22.87 -32.19
CA LYS B 477 16.50 -23.61 -32.97
C LYS B 477 17.08 -24.11 -34.29
N CYS B 478 18.10 -23.44 -34.82
CA CYS B 478 18.86 -23.94 -35.95
C CYS B 478 20.32 -23.57 -35.77
N GLY B 479 21.21 -24.50 -36.10
CA GLY B 479 22.63 -24.31 -35.85
C GLY B 479 23.31 -23.46 -36.91
N HIS B 480 22.90 -22.19 -37.02
CA HIS B 480 23.13 -21.45 -38.26
C HIS B 480 24.56 -20.95 -38.37
N LEU B 481 25.20 -20.67 -37.22
CA LEU B 481 26.40 -19.82 -37.09
C LEU B 481 26.21 -18.47 -37.79
N ASN B 482 25.31 -17.67 -37.21
CA ASN B 482 25.09 -16.32 -37.71
C ASN B 482 26.29 -15.43 -37.43
N ASN B 483 27.23 -15.36 -38.37
CA ASN B 483 28.52 -14.71 -38.14
C ASN B 483 28.46 -13.19 -38.22
N TYR B 484 27.29 -12.58 -38.34
CA TYR B 484 27.21 -11.12 -38.36
C TYR B 484 27.31 -10.50 -36.98
N PHE B 485 27.12 -11.29 -35.91
CA PHE B 485 27.43 -10.86 -34.55
C PHE B 485 28.93 -10.75 -34.33
N ASN B 486 29.49 -9.64 -34.81
CA ASN B 486 30.79 -9.19 -34.34
C ASN B 486 30.61 -8.43 -33.03
N PHE B 487 31.62 -8.55 -32.16
CA PHE B 487 31.61 -7.77 -30.91
C PHE B 487 31.70 -6.27 -31.21
N GLU B 488 32.49 -5.89 -32.22
CA GLU B 488 32.53 -4.50 -32.64
C GLU B 488 31.22 -4.07 -33.29
N TYR B 489 30.46 -5.02 -33.84
CA TYR B 489 29.13 -4.68 -34.33
C TYR B 489 28.20 -4.42 -33.14
N ARG B 490 28.37 -5.22 -32.08
CA ARG B 490 27.51 -5.11 -30.90
C ARG B 490 27.72 -3.79 -30.17
N LYS B 491 28.96 -3.27 -30.20
CA LYS B 491 29.24 -2.05 -29.46
C LYS B 491 28.61 -0.84 -30.12
N LYS B 492 28.68 -0.76 -31.45
CA LYS B 492 28.14 0.39 -32.17
C LYS B 492 26.63 0.34 -32.32
N ASN B 493 26.04 -0.84 -32.39
CA ASN B 493 24.59 -1.00 -32.48
C ASN B 493 23.94 -1.19 -31.12
N LYS B 494 24.52 -0.58 -30.06
CA LYS B 494 23.97 -0.42 -28.70
C LYS B 494 23.47 -1.75 -28.09
N PHE B 495 24.19 -2.84 -28.39
CA PHE B 495 23.98 -4.20 -27.89
C PHE B 495 22.57 -4.69 -28.21
N PRO B 496 22.27 -5.01 -29.47
CA PRO B 496 20.89 -5.33 -29.86
C PRO B 496 20.57 -6.79 -29.56
N HIS B 497 19.33 -7.16 -29.87
CA HIS B 497 18.83 -8.49 -29.56
C HIS B 497 19.42 -9.54 -30.51
N PHE B 498 18.95 -10.78 -30.36
CA PHE B 498 19.19 -11.84 -31.32
C PHE B 498 17.98 -11.97 -32.24
N LYS B 499 18.17 -11.66 -33.52
CA LYS B 499 17.18 -11.94 -34.56
C LYS B 499 17.77 -12.94 -35.53
N CYS B 500 17.13 -14.11 -35.66
CA CYS B 500 17.62 -15.11 -36.58
C CYS B 500 17.31 -14.70 -38.02
N GLU B 501 18.22 -15.02 -38.93
CA GLU B 501 18.03 -14.66 -40.33
C GLU B 501 16.96 -15.52 -40.99
N LYS B 502 17.17 -16.84 -41.04
CA LYS B 502 16.22 -17.71 -41.73
C LYS B 502 15.04 -18.14 -40.88
N CYS B 503 15.16 -18.13 -39.54
CA CYS B 503 14.08 -18.62 -38.70
C CYS B 503 13.18 -17.51 -38.15
N ASN B 504 13.66 -16.26 -38.16
CA ASN B 504 12.97 -15.09 -37.59
C ASN B 504 12.59 -15.35 -36.12
N PHE B 505 13.57 -15.78 -35.34
CA PHE B 505 13.39 -16.04 -33.91
C PHE B 505 13.97 -14.85 -33.14
N LYS B 506 13.09 -14.01 -32.59
CA LYS B 506 13.47 -12.82 -31.83
C LYS B 506 13.49 -13.13 -30.35
N GLU B 507 14.69 -13.07 -29.75
CA GLU B 507 14.93 -13.28 -28.33
C GLU B 507 16.25 -12.61 -27.95
N ASN B 508 16.52 -12.60 -26.65
CA ASN B 508 17.62 -11.85 -26.07
C ASN B 508 18.96 -12.47 -26.49
N ALA B 509 19.97 -11.60 -26.66
CA ALA B 509 21.31 -12.06 -27.03
C ALA B 509 22.01 -12.76 -25.89
N ASP B 510 21.59 -12.49 -24.65
CA ASP B 510 22.11 -13.17 -23.47
C ASP B 510 21.55 -14.58 -23.38
N TYR B 511 20.29 -14.76 -23.76
CA TYR B 511 19.61 -16.03 -23.50
C TYR B 511 19.97 -17.07 -24.55
N ASN B 512 20.12 -16.68 -25.82
CA ASN B 512 20.50 -17.70 -26.81
C ASN B 512 21.95 -18.11 -26.62
N ALA B 513 22.79 -17.17 -26.14
CA ALA B 513 24.15 -17.54 -25.78
C ALA B 513 24.17 -18.40 -24.53
N ALA B 514 23.13 -18.30 -23.69
CA ALA B 514 23.06 -19.17 -22.54
C ALA B 514 22.47 -20.52 -22.93
N LEU B 515 21.82 -20.57 -24.09
CA LEU B 515 21.19 -21.79 -24.59
C LEU B 515 22.21 -22.68 -25.28
N ASN B 516 23.20 -22.07 -25.95
CA ASN B 516 24.20 -22.87 -26.66
C ASN B 516 25.16 -23.56 -25.70
N ILE B 517 25.23 -23.10 -24.45
CA ILE B 517 25.99 -23.81 -23.44
C ILE B 517 25.20 -25.01 -22.94
N SER B 518 23.87 -24.91 -22.90
CA SER B 518 22.99 -25.94 -22.35
C SER B 518 22.64 -27.04 -23.34
N ASN B 519 23.12 -26.97 -24.58
CA ASN B 519 22.83 -28.02 -25.54
C ASN B 519 23.60 -29.29 -25.18
N PRO B 520 22.97 -30.46 -25.23
CA PRO B 520 23.69 -31.71 -24.93
C PRO B 520 24.43 -32.32 -26.11
N LYS B 521 24.39 -31.72 -27.31
CA LYS B 521 25.00 -32.35 -28.47
C LYS B 521 26.52 -32.19 -28.51
N LEU B 522 27.09 -31.33 -27.67
CA LEU B 522 28.53 -31.12 -27.60
C LEU B 522 29.10 -31.79 -26.35
N LYS B 523 30.20 -32.49 -26.52
CA LYS B 523 30.66 -33.45 -25.52
C LYS B 523 31.46 -32.74 -24.44
N SER B 524 31.66 -33.44 -23.32
CA SER B 524 32.38 -32.87 -22.18
C SER B 524 33.87 -32.76 -22.48
N THR B 525 34.50 -31.78 -21.83
CA THR B 525 35.91 -31.48 -22.07
C THR B 525 36.63 -31.19 -20.75
ZN ZN G . -14.14 29.03 -30.57
ZN ZN H . 29.25 30.31 23.61
ZN ZN I . 17.61 -20.11 -36.54
ZN ZN J . -24.10 -13.13 -36.61
#